data_8ZQ1
#
_entry.id   8ZQ1
#
_cell.length_a   57.662
_cell.length_b   80.321
_cell.length_c   163.032
_cell.angle_alpha   90.000
_cell.angle_beta   90.000
_cell.angle_gamma   90.000
#
_symmetry.space_group_name_H-M   'P 21 21 21'
#
loop_
_entity.id
_entity.type
_entity.pdbx_description
1 polymer "3',5'-cyclic-AMP phosphodiesterase 4D"
2 non-polymer 'ZINC ION'
3 non-polymer 'MAGNESIUM ION'
4 non-polymer (3~{E})-3-[(3,4-dimethoxyphenyl)methylidene]-6-oxidanyl-1-benzofuran-2-one
5 water water
#
_entity_poly.entity_id   1
_entity_poly.type   'polypeptide(L)'
_entity_poly.pdbx_seq_one_letter_code
;MASNKFKRMLNRELTHLSEMSRSGNQVSEFISNTFLDKQHEVEIPSPTQKEKEKKKRPMSQISGVKKLMHSSSLTNSSIP
RFGVKTEQEDVLAKELEDVNKWGLHVFRIAELSGNRPLTVIMHTIFQERDLLKTFKIPVDTLITYLMTLEDHYHADVAYH
NNIHAADVVQSTHVLLSTPALEAVFTDLEILAAIFASAIHDVDHPGVSNQFLINTNSELALMYNDSSVLENHHLAVGFKL
LQEENCDIFQNLTKKQRQSLRKMVIDIVLATDMSKHMNLLADLKTMVETKKVTSSGVLLLDNYSDRIQVLQNMVHCADLS
NPTKPLQLYRQWTDRIMEEFFRQGDRERERGMEISPMCDKHNASVEKSQVGFIDYIVHPLWETWADLVHPDAQDILDTLE
DNREWYQSTIPQSPSPAPDDPEEGRQGQTEKFQFELTLEEDGESDTEKDSGSQVEEDTSCSDSKTLCTQDSESTEIPLDE
QVEEEAVGEEEESQPEACVIDDRSPD
;
_entity_poly.pdbx_strand_id   A,B
#
loop_
_chem_comp.id
_chem_comp.type
_chem_comp.name
_chem_comp.formula
A1D8N non-polymer (3~{E})-3-[(3,4-dimethoxyphenyl)methylidene]-6-oxidanyl-1-benzofuran-2-one 'C17 H14 O5'
MG non-polymer 'MAGNESIUM ION' 'Mg 2'
ZN non-polymer 'ZINC ION' 'Zn 2'
#
# COMPACT_ATOMS: atom_id res chain seq x y z
N GLU A 87 -2.55 -17.98 45.50
CA GLU A 87 -2.27 -18.70 44.26
C GLU A 87 -1.94 -17.71 43.14
N GLN A 88 -1.04 -18.09 42.21
CA GLN A 88 -0.55 -17.14 41.21
C GLN A 88 -1.70 -16.58 40.37
N GLU A 89 -2.60 -17.43 39.91
CA GLU A 89 -3.73 -16.97 39.12
C GLU A 89 -4.80 -16.30 39.96
N ASP A 90 -4.72 -16.39 41.29
CA ASP A 90 -5.54 -15.53 42.14
C ASP A 90 -5.04 -14.08 42.12
N VAL A 91 -3.73 -13.89 42.04
CA VAL A 91 -3.18 -12.54 41.95
C VAL A 91 -3.38 -11.98 40.56
N LEU A 92 -3.11 -12.78 39.52
CA LEU A 92 -3.35 -12.34 38.15
C LEU A 92 -4.80 -11.94 37.94
N ALA A 93 -5.74 -12.74 38.47
CA ALA A 93 -7.16 -12.41 38.33
C ALA A 93 -7.51 -11.11 39.06
N LYS A 94 -6.79 -10.80 40.14
CA LYS A 94 -7.04 -9.54 40.83
C LYS A 94 -6.52 -8.36 40.02
N GLU A 95 -5.39 -8.53 39.35
CA GLU A 95 -4.86 -7.45 38.51
C GLU A 95 -5.73 -7.21 37.28
N LEU A 96 -6.43 -8.24 36.81
CA LEU A 96 -7.31 -8.10 35.67
C LEU A 96 -8.60 -7.36 35.99
N GLU A 97 -8.86 -7.07 37.27
CA GLU A 97 -9.96 -6.20 37.63
C GLU A 97 -9.70 -4.75 37.22
N ASP A 98 -8.46 -4.41 36.90
CA ASP A 98 -8.09 -3.06 36.50
C ASP A 98 -8.12 -2.85 34.99
N VAL A 99 -8.72 -3.78 34.24
CA VAL A 99 -8.67 -3.73 32.78
C VAL A 99 -9.35 -2.49 32.24
N ASN A 100 -10.28 -1.89 32.99
CA ASN A 100 -10.95 -0.67 32.57
C ASN A 100 -10.23 0.60 33.05
N LYS A 101 -9.05 0.46 33.63
CA LYS A 101 -8.34 1.59 34.22
C LYS A 101 -7.08 1.91 33.43
N TRP A 102 -6.88 3.19 33.13
CA TRP A 102 -5.59 3.68 32.68
C TRP A 102 -4.54 3.35 33.73
N GLY A 103 -3.34 2.96 33.27
CA GLY A 103 -2.28 2.65 34.21
C GLY A 103 -2.32 1.25 34.78
N LEU A 104 -3.06 0.34 34.14
CA LEU A 104 -3.02 -1.08 34.48
C LEU A 104 -1.58 -1.57 34.57
N HIS A 105 -1.33 -2.45 35.55
CA HIS A 105 0.02 -3.01 35.74
C HIS A 105 0.29 -4.05 34.65
N VAL A 106 0.53 -3.55 33.44
CA VAL A 106 0.66 -4.44 32.30
C VAL A 106 1.91 -5.32 32.42
N PHE A 107 2.97 -4.81 33.04
CA PHE A 107 4.19 -5.60 33.17
C PHE A 107 4.06 -6.68 34.22
N ARG A 108 3.41 -6.36 35.35
CA ARG A 108 3.17 -7.39 36.36
C ARG A 108 2.22 -8.46 35.82
N ILE A 109 1.22 -8.05 35.02
CA ILE A 109 0.30 -9.01 34.41
C ILE A 109 1.05 -9.91 33.45
N ALA A 110 2.07 -9.39 32.77
CA ALA A 110 2.90 -10.25 31.92
C ALA A 110 3.60 -11.32 32.75
N GLU A 111 4.20 -10.93 33.88
CA GLU A 111 4.83 -11.90 34.77
C GLU A 111 3.82 -12.92 35.28
N LEU A 112 2.71 -12.44 35.85
CA LEU A 112 1.75 -13.31 36.49
C LEU A 112 1.04 -14.23 35.51
N SER A 113 0.98 -13.88 34.23
CA SER A 113 0.33 -14.72 33.22
C SER A 113 1.28 -15.69 32.55
N GLY A 114 2.55 -15.69 32.91
CA GLY A 114 3.52 -16.54 32.24
C GLY A 114 3.93 -16.04 30.86
N ASN A 115 4.16 -14.73 30.74
CA ASN A 115 4.50 -14.09 29.46
C ASN A 115 3.41 -14.32 28.42
N ARG A 116 2.16 -14.14 28.84
CA ARG A 116 1.00 -14.12 27.95
C ARG A 116 0.10 -12.93 28.26
N PRO A 117 0.65 -11.70 28.27
CA PRO A 117 -0.22 -10.55 28.55
C PRO A 117 -1.25 -10.30 27.46
N LEU A 118 -0.89 -10.55 26.19
CA LEU A 118 -1.83 -10.30 25.11
C LEU A 118 -3.02 -11.27 25.18
N THR A 119 -2.76 -12.54 25.45
CA THR A 119 -3.84 -13.52 25.47
C THR A 119 -4.83 -13.24 26.60
N VAL A 120 -4.32 -13.02 27.82
CA VAL A 120 -5.21 -12.90 28.97
C VAL A 120 -5.90 -11.53 28.98
N ILE A 121 -5.26 -10.49 28.48
CA ILE A 121 -5.90 -9.18 28.45
C ILE A 121 -6.96 -9.14 27.35
N MET A 122 -6.65 -9.72 26.19
CA MET A 122 -7.65 -9.84 25.13
C MET A 122 -8.83 -10.70 25.61
N HIS A 123 -8.54 -11.83 26.25
CA HIS A 123 -9.60 -12.69 26.76
C HIS A 123 -10.46 -11.93 27.77
N THR A 124 -9.82 -11.25 28.73
CA THR A 124 -10.55 -10.48 29.73
C THR A 124 -11.43 -9.43 29.08
N ILE A 125 -10.87 -8.70 28.11
CA ILE A 125 -11.64 -7.63 27.46
C ILE A 125 -12.81 -8.20 26.67
N PHE A 126 -12.60 -9.33 25.99
CA PHE A 126 -13.69 -9.94 25.24
C PHE A 126 -14.82 -10.40 26.15
N GLN A 127 -14.48 -10.95 27.31
CA GLN A 127 -15.51 -11.29 28.28
C GLN A 127 -16.19 -10.04 28.82
N GLU A 128 -15.40 -9.00 29.13
CA GLU A 128 -15.95 -7.77 29.70
C GLU A 128 -16.97 -7.14 28.76
N ARG A 129 -16.63 -7.03 27.48
CA ARG A 129 -17.51 -6.45 26.49
C ARG A 129 -18.52 -7.43 25.92
N ASP A 130 -18.52 -8.68 26.40
CA ASP A 130 -19.49 -9.69 25.98
C ASP A 130 -19.41 -9.95 24.47
N LEU A 131 -18.19 -9.89 23.94
CA LEU A 131 -17.97 -10.08 22.51
C LEU A 131 -18.04 -11.54 22.09
N LEU A 132 -17.82 -12.48 23.02
CA LEU A 132 -17.93 -13.89 22.66
C LEU A 132 -19.37 -14.27 22.32
N LYS A 133 -20.34 -13.76 23.08
CA LYS A 133 -21.74 -14.04 22.80
C LYS A 133 -22.23 -13.27 21.57
N THR A 134 -21.84 -12.00 21.47
CA THR A 134 -22.33 -11.15 20.38
C THR A 134 -21.94 -11.71 19.03
N PHE A 135 -20.69 -12.15 18.89
CA PHE A 135 -20.18 -12.66 17.62
C PHE A 135 -19.99 -14.17 17.62
N LYS A 136 -20.55 -14.87 18.60
CA LYS A 136 -20.55 -16.34 18.64
C LYS A 136 -19.12 -16.89 18.53
N ILE A 137 -18.20 -16.27 19.24
CA ILE A 137 -16.80 -16.71 19.23
C ILE A 137 -16.64 -17.87 20.20
N PRO A 138 -16.30 -19.06 19.72
CA PRO A 138 -16.03 -20.17 20.65
C PRO A 138 -14.80 -19.86 21.50
N VAL A 139 -14.92 -20.09 22.81
CA VAL A 139 -13.87 -19.67 23.74
C VAL A 139 -12.55 -20.36 23.42
N ASP A 140 -12.60 -21.59 22.90
CA ASP A 140 -11.37 -22.31 22.59
C ASP A 140 -10.72 -21.78 21.31
N THR A 141 -11.53 -21.30 20.36
CA THR A 141 -10.97 -20.68 19.16
C THR A 141 -10.27 -19.37 19.51
N LEU A 142 -10.88 -18.57 20.40
CA LEU A 142 -10.28 -17.31 20.80
C LEU A 142 -8.92 -17.54 21.45
N ILE A 143 -8.86 -18.43 22.44
CA ILE A 143 -7.61 -18.70 23.13
C ILE A 143 -6.56 -19.21 22.14
N THR A 144 -6.95 -20.10 21.23
CA THR A 144 -6.00 -20.66 20.29
C THR A 144 -5.43 -19.61 19.35
N TYR A 145 -6.28 -18.71 18.84
CA TYR A 145 -5.78 -17.63 17.99
C TYR A 145 -4.89 -16.69 18.77
N LEU A 146 -5.36 -16.23 19.93
CA LEU A 146 -4.59 -15.27 20.73
C LEU A 146 -3.24 -15.83 21.13
N MET A 147 -3.16 -17.14 21.36
CA MET A 147 -1.89 -17.76 21.70
C MET A 147 -0.97 -17.84 20.48
N THR A 148 -1.54 -18.15 19.32
CA THR A 148 -0.75 -18.18 18.09
C THR A 148 -0.32 -16.78 17.67
N LEU A 149 -1.19 -15.79 17.90
CA LEU A 149 -0.84 -14.41 17.58
C LEU A 149 0.26 -13.89 18.50
N GLU A 150 0.17 -14.21 19.79
CA GLU A 150 1.19 -13.79 20.74
C GLU A 150 2.54 -14.44 20.44
N ASP A 151 2.52 -15.68 19.94
CA ASP A 151 3.76 -16.36 19.55
C ASP A 151 4.52 -15.58 18.49
N HIS A 152 3.80 -14.92 17.58
CA HIS A 152 4.44 -14.27 16.44
C HIS A 152 4.92 -12.86 16.75
N TYR A 153 4.65 -12.35 17.95
CA TYR A 153 5.41 -11.23 18.46
C TYR A 153 6.76 -11.73 18.97
N HIS A 154 7.83 -11.02 18.63
CA HIS A 154 9.18 -11.45 19.01
C HIS A 154 9.42 -11.16 20.48
N ALA A 155 9.71 -12.19 21.26
CA ALA A 155 10.02 -12.01 22.68
C ALA A 155 11.43 -11.50 22.92
N ASP A 156 12.30 -11.52 21.92
CA ASP A 156 13.64 -10.98 22.03
C ASP A 156 13.75 -9.57 21.44
N VAL A 157 12.62 -8.93 21.16
CA VAL A 157 12.58 -7.52 20.78
C VAL A 157 12.11 -6.73 21.99
N ALA A 158 12.87 -5.70 22.38
CA ALA A 158 12.70 -5.12 23.71
C ALA A 158 11.41 -4.33 23.85
N TYR A 159 11.00 -3.59 22.82
CA TYR A 159 9.81 -2.77 22.90
C TYR A 159 8.65 -3.35 22.09
N HIS A 160 8.80 -3.49 20.78
CA HIS A 160 7.71 -3.92 19.91
C HIS A 160 7.50 -5.43 20.05
N ASN A 161 6.90 -5.80 21.19
CA ASN A 161 6.64 -7.20 21.51
C ASN A 161 5.21 -7.39 21.99
N ASN A 162 4.93 -8.55 22.58
CA ASN A 162 3.56 -8.85 23.01
C ASN A 162 3.11 -7.99 24.17
N ILE A 163 4.03 -7.46 24.97
CA ILE A 163 3.64 -6.56 26.06
C ILE A 163 3.14 -5.24 25.48
N HIS A 164 3.83 -4.72 24.46
CA HIS A 164 3.37 -3.52 23.78
C HIS A 164 2.00 -3.74 23.15
N ALA A 165 1.80 -4.90 22.51
CA ALA A 165 0.52 -5.20 21.90
C ALA A 165 -0.59 -5.26 22.94
N ALA A 166 -0.34 -5.95 24.05
CA ALA A 166 -1.34 -6.02 25.12
C ALA A 166 -1.63 -4.63 25.68
N ASP A 167 -0.59 -3.80 25.81
CA ASP A 167 -0.78 -2.45 26.33
C ASP A 167 -1.64 -1.61 25.40
N VAL A 168 -1.42 -1.72 24.09
CA VAL A 168 -2.22 -0.95 23.13
C VAL A 168 -3.65 -1.46 23.10
N VAL A 169 -3.84 -2.78 23.19
CA VAL A 169 -5.17 -3.35 23.27
C VAL A 169 -5.93 -2.76 24.45
N GLN A 170 -5.31 -2.77 25.63
CA GLN A 170 -5.99 -2.34 26.83
C GLN A 170 -6.23 -0.83 26.84
N SER A 171 -5.28 -0.06 26.31
CA SER A 171 -5.45 1.39 26.23
C SER A 171 -6.56 1.76 25.27
N THR A 172 -6.61 1.09 24.11
CA THR A 172 -7.72 1.28 23.19
C THR A 172 -9.05 0.92 23.85
N HIS A 173 -9.08 -0.18 24.60
CA HIS A 173 -10.29 -0.59 25.30
C HIS A 173 -10.78 0.49 26.25
N VAL A 174 -9.86 1.21 26.89
CA VAL A 174 -10.25 2.28 27.80
C VAL A 174 -10.75 3.49 27.01
N LEU A 175 -10.02 3.86 25.96
CA LEU A 175 -10.44 4.99 25.12
C LEU A 175 -11.79 4.74 24.48
N LEU A 176 -12.13 3.47 24.22
CA LEU A 176 -13.44 3.13 23.70
C LEU A 176 -14.56 3.36 24.71
N SER A 177 -14.25 3.31 26.01
CA SER A 177 -15.24 3.45 27.06
C SER A 177 -15.45 4.89 27.49
N THR A 178 -14.85 5.84 26.78
CA THR A 178 -14.93 7.23 27.22
C THR A 178 -16.36 7.74 27.10
N PRO A 179 -16.83 8.55 28.06
CA PRO A 179 -18.24 8.98 28.03
C PRO A 179 -18.64 9.71 26.75
N ALA A 180 -17.75 10.51 26.17
CA ALA A 180 -18.07 11.25 24.97
C ALA A 180 -18.28 10.36 23.75
N LEU A 181 -18.04 9.05 23.86
CA LEU A 181 -18.23 8.12 22.75
C LEU A 181 -19.22 7.01 23.09
N GLU A 182 -20.05 7.21 24.11
CA GLU A 182 -21.03 6.19 24.49
C GLU A 182 -22.00 5.94 23.34
N ALA A 183 -22.14 4.67 22.95
CA ALA A 183 -23.06 4.21 21.92
C ALA A 183 -22.77 4.80 20.55
N VAL A 184 -21.57 5.35 20.35
CA VAL A 184 -21.21 5.86 19.03
C VAL A 184 -20.92 4.73 18.07
N PHE A 185 -20.19 3.71 18.52
CA PHE A 185 -19.66 2.67 17.65
C PHE A 185 -20.43 1.37 17.82
N THR A 186 -20.66 0.70 16.70
CA THR A 186 -21.28 -0.61 16.71
C THR A 186 -20.35 -1.63 17.37
N ASP A 187 -20.92 -2.79 17.70
CA ASP A 187 -20.11 -3.87 18.26
C ASP A 187 -19.07 -4.35 17.26
N LEU A 188 -19.33 -4.19 15.97
CA LEU A 188 -18.36 -4.60 14.96
C LEU A 188 -17.18 -3.63 14.89
N GLU A 189 -17.45 -2.33 14.99
CA GLU A 189 -16.37 -1.35 15.01
C GLU A 189 -15.51 -1.50 16.28
N ILE A 190 -16.15 -1.77 17.41
CA ILE A 190 -15.41 -2.05 18.64
C ILE A 190 -14.52 -3.27 18.46
N LEU A 191 -15.05 -4.32 17.86
CA LEU A 191 -14.27 -5.53 17.61
C LEU A 191 -13.10 -5.24 16.68
N ALA A 192 -13.33 -4.41 15.65
CA ALA A 192 -12.26 -4.10 14.71
C ALA A 192 -11.14 -3.33 15.39
N ALA A 193 -11.49 -2.33 16.20
CA ALA A 193 -10.47 -1.50 16.85
C ALA A 193 -9.63 -2.31 17.84
N ILE A 194 -10.27 -3.23 18.57
CA ILE A 194 -9.53 -4.05 19.52
C ILE A 194 -8.68 -5.08 18.79
N PHE A 195 -9.27 -5.74 17.77
CA PHE A 195 -8.50 -6.70 16.98
C PHE A 195 -7.34 -6.03 16.27
N ALA A 196 -7.57 -4.82 15.73
CA ALA A 196 -6.48 -4.09 15.10
C ALA A 196 -5.37 -3.79 16.09
N SER A 197 -5.72 -3.39 17.31
CA SER A 197 -4.71 -3.14 18.33
C SER A 197 -3.90 -4.40 18.66
N ALA A 198 -4.53 -5.57 18.59
CA ALA A 198 -3.85 -6.80 18.95
C ALA A 198 -2.80 -7.18 17.92
N ILE A 199 -3.09 -7.00 16.63
CA ILE A 199 -2.21 -7.42 15.56
C ILE A 199 -1.33 -6.29 15.04
N HIS A 200 -1.44 -5.09 15.61
CA HIS A 200 -0.93 -3.89 14.94
C HIS A 200 0.59 -3.87 14.81
N ASP A 201 1.32 -4.68 15.59
CA ASP A 201 2.77 -4.72 15.49
C ASP A 201 3.31 -6.15 15.45
N VAL A 202 2.49 -7.12 15.05
CA VAL A 202 2.89 -8.52 15.12
C VAL A 202 4.04 -8.78 14.16
N ASP A 203 4.97 -9.64 14.60
CA ASP A 203 6.17 -10.00 13.83
C ASP A 203 7.05 -8.79 13.57
N HIS A 204 7.07 -7.84 14.50
CA HIS A 204 7.93 -6.67 14.38
C HIS A 204 9.38 -7.09 14.61
N PRO A 205 10.29 -6.86 13.66
CA PRO A 205 11.67 -7.33 13.82
C PRO A 205 12.53 -6.44 14.71
N GLY A 206 12.02 -5.30 15.16
CA GLY A 206 12.79 -4.41 16.01
C GLY A 206 13.56 -3.32 15.30
N VAL A 207 13.34 -3.14 13.99
CA VAL A 207 13.98 -2.07 13.23
C VAL A 207 12.89 -1.29 12.50
N SER A 208 13.25 -0.07 12.11
CA SER A 208 12.29 0.86 11.53
C SER A 208 12.04 0.55 10.06
N ASN A 209 10.98 1.15 9.52
CA ASN A 209 10.70 1.06 8.09
C ASN A 209 11.88 1.57 7.27
N GLN A 210 12.46 2.69 7.68
CA GLN A 210 13.55 3.29 6.92
C GLN A 210 14.78 2.38 6.91
N PHE A 211 15.05 1.71 8.04
CA PHE A 211 16.11 0.71 8.06
C PHE A 211 15.81 -0.41 7.06
N LEU A 212 14.57 -0.90 7.05
CA LEU A 212 14.19 -1.97 6.14
C LEU A 212 14.31 -1.51 4.69
N ILE A 213 14.01 -0.25 4.42
CA ILE A 213 14.17 0.28 3.07
C ILE A 213 15.65 0.40 2.71
N ASN A 214 16.45 0.99 3.60
CA ASN A 214 17.83 1.30 3.26
C ASN A 214 18.70 0.05 3.18
N THR A 215 18.35 -1.00 3.91
CA THR A 215 19.08 -2.26 3.84
C THR A 215 18.50 -3.22 2.80
N ASN A 216 17.63 -2.73 1.91
CA ASN A 216 17.03 -3.52 0.85
C ASN A 216 16.48 -4.84 1.39
N SER A 217 15.75 -4.75 2.50
CA SER A 217 15.21 -5.95 3.14
C SER A 217 14.21 -6.64 2.22
N GLU A 218 13.89 -7.89 2.56
CA GLU A 218 12.88 -8.62 1.80
C GLU A 218 11.48 -8.08 2.07
N LEU A 219 11.25 -7.53 3.26
CA LEU A 219 9.97 -6.91 3.57
C LEU A 219 9.78 -5.63 2.75
N ALA A 220 10.80 -4.78 2.69
CA ALA A 220 10.71 -3.58 1.86
C ALA A 220 10.54 -3.94 0.39
N LEU A 221 11.17 -5.04 -0.05
CA LEU A 221 11.02 -5.48 -1.43
C LEU A 221 9.60 -5.94 -1.72
N MET A 222 8.98 -6.62 -0.75
CA MET A 222 7.62 -7.12 -0.93
C MET A 222 6.62 -5.97 -1.02
N TYR A 223 6.78 -4.95 -0.19
CA TYR A 223 5.77 -3.92 -0.02
C TYR A 223 6.14 -2.58 -0.64
N ASN A 224 7.20 -2.56 -1.46
CA ASN A 224 7.52 -1.39 -2.29
C ASN A 224 7.74 -0.13 -1.45
N ASP A 225 8.40 -0.29 -0.30
CA ASP A 225 8.86 0.81 0.54
C ASP A 225 7.72 1.63 1.14
N SER A 226 6.48 1.14 1.11
CA SER A 226 5.33 1.90 1.59
C SER A 226 4.70 1.17 2.76
N SER A 227 4.74 1.78 3.94
CA SER A 227 4.18 1.22 5.17
C SER A 227 4.57 -0.25 5.31
N VAL A 228 5.87 -0.50 5.24
CA VAL A 228 6.38 -1.86 5.09
C VAL A 228 6.00 -2.70 6.30
N LEU A 229 6.30 -2.22 7.50
CA LEU A 229 5.95 -2.96 8.71
C LEU A 229 4.44 -3.11 8.85
N GLU A 230 3.71 -2.01 8.66
CA GLU A 230 2.27 -2.01 8.93
C GLU A 230 1.52 -2.93 7.98
N ASN A 231 1.94 -2.99 6.71
CA ASN A 231 1.37 -3.97 5.80
C ASN A 231 1.69 -5.38 6.28
N HIS A 232 2.89 -5.60 6.80
CA HIS A 232 3.29 -6.94 7.23
C HIS A 232 2.52 -7.36 8.48
N HIS A 233 2.35 -6.45 9.44
CA HIS A 233 1.57 -6.78 10.63
C HIS A 233 0.16 -7.23 10.25
N LEU A 234 -0.44 -6.56 9.27
CA LEU A 234 -1.79 -6.92 8.85
C LEU A 234 -1.83 -8.28 8.18
N ALA A 235 -0.93 -8.52 7.21
CA ALA A 235 -0.87 -9.79 6.51
C ALA A 235 -0.72 -10.95 7.48
N VAL A 236 0.21 -10.82 8.43
CA VAL A 236 0.43 -11.88 9.41
C VAL A 236 -0.79 -12.04 10.31
N GLY A 237 -1.37 -10.92 10.75
CA GLY A 237 -2.50 -10.99 11.65
C GLY A 237 -3.70 -11.68 11.04
N PHE A 238 -3.99 -11.42 9.77
CA PHE A 238 -5.12 -12.07 9.12
C PHE A 238 -4.81 -13.52 8.77
N LYS A 239 -3.58 -13.79 8.32
CA LYS A 239 -3.21 -15.14 7.90
C LYS A 239 -3.33 -16.14 9.05
N LEU A 240 -2.97 -15.72 10.26
CA LEU A 240 -3.04 -16.61 11.41
C LEU A 240 -4.47 -17.03 11.74
N LEU A 241 -5.47 -16.31 11.23
CA LEU A 241 -6.85 -16.73 11.40
C LEU A 241 -7.13 -18.06 10.69
N GLN A 242 -6.29 -18.44 9.73
CA GLN A 242 -6.49 -19.64 8.94
C GLN A 242 -5.84 -20.89 9.55
N GLU A 243 -5.07 -20.74 10.63
CA GLU A 243 -4.50 -21.89 11.30
C GLU A 243 -5.62 -22.69 11.98
N GLU A 244 -5.28 -23.90 12.43
CA GLU A 244 -6.28 -24.82 12.93
C GLU A 244 -7.01 -24.24 14.14
N ASN A 245 -8.34 -24.11 14.01
CA ASN A 245 -9.20 -23.62 15.09
C ASN A 245 -8.78 -22.22 15.54
N CYS A 246 -8.47 -21.36 14.58
CA CYS A 246 -8.02 -20.00 14.88
C CYS A 246 -8.92 -18.90 14.34
N ASP A 247 -9.89 -19.22 13.49
CA ASP A 247 -10.75 -18.19 12.90
C ASP A 247 -11.81 -17.79 13.91
N ILE A 248 -11.49 -16.75 14.69
CA ILE A 248 -12.43 -16.21 15.67
C ILE A 248 -13.61 -15.50 15.03
N PHE A 249 -13.52 -15.18 13.74
CA PHE A 249 -14.60 -14.53 13.00
C PHE A 249 -15.42 -15.52 12.18
N GLN A 250 -15.43 -16.80 12.56
CA GLN A 250 -16.07 -17.81 11.74
C GLN A 250 -17.58 -17.66 11.66
N ASN A 251 -18.19 -17.00 12.65
CA ASN A 251 -19.64 -16.87 12.69
C ASN A 251 -20.13 -15.47 12.36
N LEU A 252 -19.24 -14.57 11.94
CA LEU A 252 -19.68 -13.32 11.36
C LEU A 252 -20.25 -13.55 9.97
N THR A 253 -21.24 -12.75 9.60
CA THR A 253 -21.76 -12.83 8.24
C THR A 253 -20.70 -12.34 7.25
N LYS A 254 -20.93 -12.66 5.97
CA LYS A 254 -20.00 -12.24 4.92
C LYS A 254 -19.71 -10.75 5.01
N LYS A 255 -20.78 -9.94 5.09
CA LYS A 255 -20.63 -8.50 5.05
C LYS A 255 -19.94 -7.99 6.32
N GLN A 256 -20.21 -8.63 7.46
CA GLN A 256 -19.48 -8.29 8.69
C GLN A 256 -17.99 -8.56 8.52
N ARG A 257 -17.64 -9.71 7.95
CA ARG A 257 -16.25 -10.03 7.63
C ARG A 257 -15.63 -8.92 6.79
N GLN A 258 -16.30 -8.58 5.68
CA GLN A 258 -15.73 -7.64 4.73
C GLN A 258 -15.57 -6.25 5.33
N SER A 259 -16.54 -5.83 6.16
CA SER A 259 -16.48 -4.52 6.77
C SER A 259 -15.42 -4.46 7.86
N LEU A 260 -15.29 -5.53 8.66
CA LEU A 260 -14.28 -5.55 9.71
C LEU A 260 -12.88 -5.55 9.11
N ARG A 261 -12.64 -6.39 8.11
CA ARG A 261 -11.32 -6.46 7.50
C ARG A 261 -10.88 -5.11 6.95
N LYS A 262 -11.81 -4.37 6.32
CA LYS A 262 -11.48 -3.05 5.80
C LYS A 262 -11.15 -2.08 6.92
N MET A 263 -11.93 -2.10 8.00
CA MET A 263 -11.68 -1.19 9.11
C MET A 263 -10.36 -1.53 9.81
N VAL A 264 -10.07 -2.83 9.98
CA VAL A 264 -8.81 -3.24 10.60
C VAL A 264 -7.64 -2.77 9.75
N ILE A 265 -7.76 -2.89 8.43
CA ILE A 265 -6.68 -2.45 7.54
C ILE A 265 -6.48 -0.95 7.65
N ASP A 266 -7.58 -0.18 7.57
CA ASP A 266 -7.48 1.27 7.64
C ASP A 266 -6.88 1.74 8.96
N ILE A 267 -7.13 1.01 10.05
CA ILE A 267 -6.63 1.42 11.35
C ILE A 267 -5.14 1.14 11.49
N VAL A 268 -4.72 -0.08 11.10
CA VAL A 268 -3.32 -0.45 11.30
C VAL A 268 -2.41 0.33 10.37
N LEU A 269 -2.84 0.57 9.13
CA LEU A 269 -2.03 1.38 8.22
C LEU A 269 -1.85 2.79 8.76
N ALA A 270 -2.78 3.26 9.59
CA ALA A 270 -2.68 4.59 10.20
C ALA A 270 -1.71 4.63 11.37
N THR A 271 -1.23 3.47 11.85
CA THR A 271 -0.19 3.47 12.88
C THR A 271 1.20 3.79 12.32
N ASP A 272 1.33 3.87 11.00
CA ASP A 272 2.59 4.28 10.38
C ASP A 272 2.89 5.73 10.75
N MET A 273 4.04 5.95 11.39
CA MET A 273 4.38 7.30 11.87
C MET A 273 4.50 8.32 10.75
N SER A 274 4.74 7.87 9.52
CA SER A 274 4.78 8.82 8.40
C SER A 274 3.41 9.40 8.08
N LYS A 275 2.34 8.83 8.63
CA LYS A 275 0.99 9.35 8.47
C LYS A 275 0.56 10.24 9.64
N HIS A 276 1.42 10.42 10.65
CA HIS A 276 1.01 11.09 11.88
C HIS A 276 0.61 12.53 11.64
N MET A 277 1.41 13.27 10.86
CA MET A 277 1.14 14.69 10.65
C MET A 277 -0.20 14.89 9.96
N ASN A 278 -0.47 14.11 8.91
CA ASN A 278 -1.74 14.25 8.20
C ASN A 278 -2.91 13.74 9.02
N LEU A 279 -2.70 12.68 9.82
CA LEU A 279 -3.77 12.19 10.68
C LEU A 279 -4.11 13.19 11.76
N LEU A 280 -3.09 13.82 12.35
CA LEU A 280 -3.33 14.84 13.37
C LEU A 280 -4.04 16.05 12.79
N ALA A 281 -3.68 16.45 11.56
CA ALA A 281 -4.32 17.60 10.93
C ALA A 281 -5.80 17.33 10.68
N ASP A 282 -6.13 16.11 10.27
CA ASP A 282 -7.54 15.74 10.10
C ASP A 282 -8.28 15.78 11.44
N LEU A 283 -7.63 15.30 12.51
CA LEU A 283 -8.27 15.32 13.82
C LEU A 283 -8.46 16.75 14.32
N LYS A 284 -7.49 17.62 14.04
CA LYS A 284 -7.65 19.04 14.37
C LYS A 284 -8.86 19.64 13.67
N THR A 285 -9.01 19.33 12.38
CA THR A 285 -10.16 19.84 11.62
C THR A 285 -11.47 19.34 12.22
N MET A 286 -11.52 18.06 12.61
CA MET A 286 -12.75 17.52 13.18
C MET A 286 -13.08 18.17 14.52
N VAL A 287 -12.07 18.42 15.35
CA VAL A 287 -12.30 19.07 16.63
C VAL A 287 -12.85 20.47 16.44
N GLU A 288 -12.30 21.21 15.47
CA GLU A 288 -12.75 22.58 15.23
C GLU A 288 -14.16 22.62 14.69
N THR A 289 -14.59 21.58 13.95
CA THR A 289 -15.94 21.49 13.43
C THR A 289 -16.73 20.39 14.13
N LYS A 290 -16.48 20.18 15.42
CA LYS A 290 -17.06 19.06 16.14
C LYS A 290 -18.56 19.23 16.30
N LYS A 291 -19.31 18.17 16.01
CA LYS A 291 -20.75 18.13 16.21
C LYS A 291 -21.09 17.07 17.24
N VAL A 292 -22.03 17.40 18.12
CA VAL A 292 -22.37 16.58 19.28
C VAL A 292 -23.88 16.37 19.29
N THR A 293 -24.29 15.21 19.82
CA THR A 293 -25.71 14.89 19.87
C THR A 293 -26.37 15.51 21.12
N SER A 294 -27.69 15.40 21.18
CA SER A 294 -28.46 15.98 22.29
C SER A 294 -28.13 15.34 23.63
N SER A 295 -27.42 14.22 23.65
CA SER A 295 -27.00 13.58 24.88
C SER A 295 -25.59 13.97 25.30
N GLY A 296 -24.88 14.75 24.49
CA GLY A 296 -23.50 15.07 24.74
C GLY A 296 -22.51 14.14 24.06
N VAL A 297 -23.00 13.17 23.31
CA VAL A 297 -22.17 12.16 22.65
C VAL A 297 -21.75 12.68 21.28
N LEU A 298 -20.51 12.34 20.88
CA LEU A 298 -19.98 12.81 19.60
C LEU A 298 -20.77 12.21 18.45
N LEU A 299 -21.06 13.06 17.45
CA LEU A 299 -21.89 12.70 16.31
C LEU A 299 -21.01 12.32 15.13
N LEU A 300 -21.01 11.03 14.78
CA LEU A 300 -20.23 10.53 13.66
C LEU A 300 -21.18 10.03 12.58
N ASP A 301 -20.97 10.52 11.35
CA ASP A 301 -22.01 10.60 10.34
C ASP A 301 -21.79 9.67 9.16
N ASN A 302 -20.56 9.22 8.93
CA ASN A 302 -20.17 8.53 7.71
C ASN A 302 -18.93 7.72 8.02
N TYR A 303 -18.53 6.87 7.07
CA TYR A 303 -17.34 6.06 7.29
C TYR A 303 -16.11 6.93 7.53
N SER A 304 -15.98 8.02 6.76
CA SER A 304 -14.77 8.83 6.81
C SER A 304 -14.52 9.38 8.20
N ASP A 305 -15.57 9.85 8.88
CA ASP A 305 -15.40 10.40 10.22
C ASP A 305 -15.23 9.29 11.27
N ARG A 306 -15.94 8.18 11.11
CA ARG A 306 -15.90 7.13 12.11
C ARG A 306 -14.55 6.40 12.09
N ILE A 307 -14.07 6.05 10.90
CA ILE A 307 -12.78 5.36 10.82
C ILE A 307 -11.65 6.29 11.22
N GLN A 308 -11.79 7.59 10.97
CA GLN A 308 -10.75 8.55 11.33
C GLN A 308 -10.59 8.65 12.84
N VAL A 309 -11.71 8.63 13.57
CA VAL A 309 -11.63 8.62 15.02
C VAL A 309 -11.02 7.33 15.53
N LEU A 310 -11.42 6.19 14.93
CA LEU A 310 -10.85 4.91 15.33
C LEU A 310 -9.37 4.84 14.99
N GLN A 311 -8.96 5.45 13.86
CA GLN A 311 -7.55 5.51 13.52
C GLN A 311 -6.76 6.29 14.57
N ASN A 312 -7.24 7.48 14.91
CA ASN A 312 -6.54 8.31 15.90
C ASN A 312 -6.62 7.69 17.29
N MET A 313 -7.69 6.95 17.59
CA MET A 313 -7.80 6.31 18.89
C MET A 313 -6.70 5.26 19.08
N VAL A 314 -6.54 4.37 18.10
CA VAL A 314 -5.48 3.37 18.17
C VAL A 314 -4.12 4.04 18.05
N HIS A 315 -4.03 5.13 17.29
CA HIS A 315 -2.78 5.87 17.18
C HIS A 315 -2.41 6.49 18.53
N CYS A 316 -3.40 7.01 19.27
CA CYS A 316 -3.13 7.54 20.60
C CYS A 316 -2.72 6.43 21.56
N ALA A 317 -3.41 5.29 21.51
CA ALA A 317 -3.03 4.17 22.37
C ALA A 317 -1.63 3.66 22.05
N ASP A 318 -1.26 3.70 20.77
CA ASP A 318 0.10 3.33 20.38
C ASP A 318 1.13 4.30 20.94
N LEU A 319 0.77 5.57 21.09
CA LEU A 319 1.67 6.61 21.58
C LEU A 319 1.28 7.07 22.98
N SER A 320 0.82 6.13 23.82
CA SER A 320 0.27 6.46 25.13
C SER A 320 1.26 6.25 26.28
N ASN A 321 2.47 5.77 26.01
CA ASN A 321 3.44 5.54 27.07
C ASN A 321 3.71 6.77 27.93
N PRO A 322 3.98 7.96 27.38
CA PRO A 322 4.23 9.12 28.25
C PRO A 322 3.01 9.59 29.02
N THR A 323 1.82 9.08 28.72
CA THR A 323 0.61 9.45 29.44
C THR A 323 0.33 8.56 30.64
N LYS A 324 1.07 7.47 30.80
CA LYS A 324 0.86 6.49 31.86
C LYS A 324 1.62 6.91 33.10
N PRO A 325 1.28 6.32 34.27
CA PRO A 325 2.06 6.56 35.48
C PRO A 325 3.56 6.34 35.24
N LEU A 326 4.37 7.13 35.93
CA LEU A 326 5.79 7.27 35.56
C LEU A 326 6.52 5.93 35.64
N GLN A 327 6.19 5.09 36.62
CA GLN A 327 6.88 3.81 36.73
C GLN A 327 6.61 2.91 35.53
N LEU A 328 5.50 3.12 34.83
CA LEU A 328 5.26 2.40 33.58
C LEU A 328 5.94 3.10 32.41
N TYR A 329 5.79 4.43 32.34
CA TYR A 329 6.43 5.23 31.29
C TYR A 329 7.93 4.96 31.24
N ARG A 330 8.59 4.96 32.40
CA ARG A 330 10.04 4.83 32.42
C ARG A 330 10.48 3.47 31.90
N GLN A 331 9.73 2.41 32.22
CA GLN A 331 10.07 1.09 31.71
C GLN A 331 9.85 1.00 30.21
N TRP A 332 8.86 1.72 29.68
CA TRP A 332 8.70 1.79 28.23
C TRP A 332 9.86 2.53 27.58
N THR A 333 10.34 3.60 28.24
CA THR A 333 11.48 4.34 27.71
C THR A 333 12.73 3.48 27.70
N ASP A 334 12.97 2.72 28.77
CA ASP A 334 14.11 1.81 28.80
C ASP A 334 14.06 0.82 27.64
N ARG A 335 12.85 0.36 27.29
CA ARG A 335 12.73 -0.68 26.28
C ARG A 335 12.93 -0.13 24.87
N ILE A 336 12.37 1.05 24.59
CA ILE A 336 12.49 1.60 23.24
C ILE A 336 13.93 2.05 22.98
N MET A 337 14.60 2.58 24.00
CA MET A 337 16.01 2.93 23.84
C MET A 337 16.87 1.70 23.65
N GLU A 338 16.53 0.60 24.33
CA GLU A 338 17.21 -0.67 24.12
C GLU A 338 17.10 -1.09 22.66
N GLU A 339 15.89 -0.99 22.10
CA GLU A 339 15.67 -1.40 20.71
C GLU A 339 16.33 -0.43 19.74
N PHE A 340 16.18 0.88 19.99
CA PHE A 340 16.79 1.87 19.12
C PHE A 340 18.31 1.71 19.07
N PHE A 341 18.95 1.60 20.23
CA PHE A 341 20.39 1.47 20.28
C PHE A 341 20.86 0.23 19.52
N ARG A 342 20.09 -0.86 19.59
CA ARG A 342 20.43 -2.03 18.78
C ARG A 342 20.41 -1.69 17.30
N GLN A 343 19.40 -0.95 16.86
CA GLN A 343 19.33 -0.57 15.45
C GLN A 343 20.52 0.30 15.06
N GLY A 344 20.93 1.19 15.97
CA GLY A 344 22.07 2.04 15.69
C GLY A 344 23.37 1.27 15.58
N ASP A 345 23.52 0.21 16.36
CA ASP A 345 24.73 -0.61 16.27
C ASP A 345 24.81 -1.31 14.92
N ARG A 346 23.68 -1.76 14.38
CA ARG A 346 23.67 -2.33 13.04
C ARG A 346 23.89 -1.25 11.98
N GLU A 347 23.31 -0.07 12.19
CA GLU A 347 23.51 1.02 11.25
C GLU A 347 24.97 1.45 11.19
N ARG A 348 25.63 1.54 12.34
CA ARG A 348 27.04 1.93 12.34
C ARG A 348 27.91 0.81 11.78
N GLU A 349 27.65 -0.44 12.17
CA GLU A 349 28.37 -1.57 11.60
C GLU A 349 28.30 -1.57 10.08
N ARG A 350 27.20 -1.09 9.51
CA ARG A 350 26.99 -1.04 8.08
C ARG A 350 27.49 0.24 7.44
N GLY A 351 28.14 1.11 8.20
CA GLY A 351 28.59 2.38 7.65
C GLY A 351 27.48 3.32 7.27
N MET A 352 26.27 3.09 7.76
CA MET A 352 25.12 3.93 7.47
C MET A 352 25.07 5.11 8.45
N GLU A 353 24.35 6.15 8.02
CA GLU A 353 23.97 7.21 8.95
C GLU A 353 23.13 6.61 10.07
N ILE A 354 23.43 6.99 11.30
CA ILE A 354 22.71 6.45 12.45
C ILE A 354 21.42 7.24 12.64
N SER A 355 20.31 6.54 12.73
CA SER A 355 19.00 7.18 12.85
C SER A 355 18.94 7.99 14.15
N PRO A 356 18.10 9.03 14.19
CA PRO A 356 17.94 9.79 15.44
C PRO A 356 17.54 8.89 16.60
N MET A 357 18.12 9.17 17.77
CA MET A 357 17.89 8.48 19.04
C MET A 357 18.48 7.07 19.08
N CYS A 358 19.12 6.61 18.01
CA CYS A 358 19.67 5.26 17.96
C CYS A 358 21.17 5.21 18.22
N ASP A 359 21.81 6.36 18.48
CA ASP A 359 23.26 6.43 18.67
C ASP A 359 23.55 6.39 20.17
N LYS A 360 23.97 5.22 20.65
CA LYS A 360 24.22 5.06 22.09
C LYS A 360 25.46 5.81 22.57
N HIS A 361 26.26 6.36 21.67
CA HIS A 361 27.38 7.21 22.05
C HIS A 361 27.05 8.70 21.98
N ASN A 362 25.89 9.07 21.43
CA ASN A 362 25.50 10.47 21.31
C ASN A 362 24.04 10.72 21.70
N ALA A 363 23.40 9.79 22.39
CA ALA A 363 21.99 9.94 22.71
C ALA A 363 21.78 10.61 24.06
N SER A 364 20.74 11.44 24.13
CA SER A 364 20.21 11.95 25.39
C SER A 364 18.83 11.34 25.53
N VAL A 365 18.70 10.34 26.40
CA VAL A 365 17.42 9.69 26.63
C VAL A 365 16.38 10.71 27.09
N GLU A 366 16.81 11.62 27.97
CA GLU A 366 15.86 12.57 28.58
C GLU A 366 15.44 13.65 27.59
N LYS A 367 16.38 14.18 26.81
CA LYS A 367 16.02 15.18 25.80
C LYS A 367 15.16 14.57 24.70
N SER A 368 15.35 13.28 24.40
CA SER A 368 14.55 12.64 23.37
C SER A 368 13.10 12.46 23.81
N GLN A 369 12.89 12.14 25.10
CA GLN A 369 11.52 12.01 25.60
C GLN A 369 10.81 13.36 25.64
N VAL A 370 11.53 14.41 26.03
CA VAL A 370 10.93 15.75 26.03
C VAL A 370 10.56 16.16 24.62
N GLY A 371 11.43 15.88 23.65
CA GLY A 371 11.09 16.16 22.26
C GLY A 371 9.99 15.26 21.73
N PHE A 372 10.00 13.99 22.16
CA PHE A 372 8.93 13.08 21.79
C PHE A 372 7.57 13.59 22.28
N ILE A 373 7.53 14.09 23.52
CA ILE A 373 6.28 14.63 24.05
C ILE A 373 5.94 15.95 23.37
N ASP A 374 6.90 16.86 23.29
CA ASP A 374 6.60 18.21 22.81
C ASP A 374 6.17 18.23 21.35
N TYR A 375 6.79 17.39 20.51
CA TYR A 375 6.54 17.46 19.08
C TYR A 375 5.56 16.40 18.57
N ILE A 376 5.34 15.31 19.31
CA ILE A 376 4.50 14.22 18.81
C ILE A 376 3.37 13.94 19.78
N VAL A 377 3.71 13.51 20.99
CA VAL A 377 2.71 12.91 21.88
C VAL A 377 1.74 13.97 22.41
N HIS A 378 2.27 15.11 22.87
CA HIS A 378 1.38 16.12 23.45
C HIS A 378 0.50 16.79 22.40
N PRO A 379 1.01 17.22 21.24
CA PRO A 379 0.09 17.74 20.21
C PRO A 379 -1.02 16.76 19.84
N LEU A 380 -0.73 15.46 19.87
CA LEU A 380 -1.76 14.47 19.53
C LEU A 380 -2.76 14.32 20.66
N TRP A 381 -2.28 14.08 21.89
CA TRP A 381 -3.19 13.81 23.00
C TRP A 381 -3.98 15.04 23.41
N GLU A 382 -3.39 16.23 23.28
CA GLU A 382 -4.13 17.46 23.55
C GLU A 382 -5.25 17.66 22.55
N THR A 383 -5.05 17.23 21.30
CA THR A 383 -6.13 17.28 20.32
C THR A 383 -7.20 16.23 20.61
N TRP A 384 -6.79 15.03 21.03
CA TRP A 384 -7.76 14.01 21.38
C TRP A 384 -8.57 14.42 22.60
N ALA A 385 -7.92 15.08 23.58
CA ALA A 385 -8.64 15.53 24.76
C ALA A 385 -9.69 16.57 24.43
N ASP A 386 -9.44 17.40 23.41
CA ASP A 386 -10.45 18.35 22.95
C ASP A 386 -11.64 17.62 22.35
N LEU A 387 -11.38 16.52 21.63
CA LEU A 387 -12.46 15.78 20.98
C LEU A 387 -13.40 15.15 22.00
N VAL A 388 -12.87 14.73 23.15
CA VAL A 388 -13.65 14.02 24.15
C VAL A 388 -13.75 14.81 25.45
N HIS A 389 -13.48 16.12 25.39
CA HIS A 389 -13.50 16.99 26.56
C HIS A 389 -14.77 16.79 27.37
N PRO A 390 -14.63 16.61 28.70
CA PRO A 390 -13.39 16.66 29.48
C PRO A 390 -12.85 15.29 29.87
N ASP A 391 -13.23 14.25 29.13
CA ASP A 391 -13.00 12.88 29.59
C ASP A 391 -11.52 12.57 29.79
N ALA A 392 -10.64 13.26 29.08
CA ALA A 392 -9.22 12.89 29.07
C ALA A 392 -8.34 13.86 29.87
N GLN A 393 -8.93 14.59 30.82
CA GLN A 393 -8.15 15.59 31.55
C GLN A 393 -7.08 14.92 32.43
N ASP A 394 -7.44 13.83 33.11
CA ASP A 394 -6.45 13.13 33.94
C ASP A 394 -5.29 12.62 33.11
N ILE A 395 -5.59 11.99 31.97
CA ILE A 395 -4.54 11.48 31.09
C ILE A 395 -3.65 12.62 30.61
N LEU A 396 -4.26 13.75 30.25
CA LEU A 396 -3.49 14.92 29.81
C LEU A 396 -2.70 15.51 30.97
N ASP A 397 -3.28 15.49 32.18
CA ASP A 397 -2.54 15.97 33.35
C ASP A 397 -1.31 15.12 33.62
N THR A 398 -1.44 13.80 33.50
CA THR A 398 -0.31 12.90 33.75
C THR A 398 0.79 13.12 32.72
N LEU A 399 0.42 13.27 31.45
CA LEU A 399 1.41 13.51 30.40
C LEU A 399 2.21 14.77 30.67
N GLU A 400 1.54 15.84 31.10
CA GLU A 400 2.23 17.10 31.35
C GLU A 400 3.10 17.03 32.60
N ASP A 401 2.67 16.27 33.61
CA ASP A 401 3.54 16.04 34.78
C ASP A 401 4.76 15.24 34.39
N ASN A 402 4.57 14.16 33.62
CA ASN A 402 5.70 13.32 33.20
C ASN A 402 6.67 14.11 32.33
N ARG A 403 6.16 15.01 31.49
CA ARG A 403 7.02 15.86 30.69
C ARG A 403 7.85 16.79 31.58
N GLU A 404 7.19 17.38 32.59
CA GLU A 404 7.90 18.22 33.54
C GLU A 404 8.99 17.43 34.26
N TRP A 405 8.71 16.17 34.59
CA TRP A 405 9.67 15.36 35.33
C TRP A 405 10.90 15.04 34.47
N TYR A 406 10.67 14.58 33.24
CA TYR A 406 11.79 14.27 32.36
C TYR A 406 12.61 15.51 32.05
N GLN A 407 11.95 16.66 31.89
CA GLN A 407 12.67 17.91 31.68
C GLN A 407 13.56 18.24 32.86
N SER A 408 13.09 17.97 34.08
CA SER A 408 13.82 18.35 35.27
C SER A 408 15.09 17.52 35.47
N THR A 409 15.23 16.40 34.77
CA THR A 409 16.43 15.57 34.86
C THR A 409 17.54 16.05 33.94
N ILE A 410 17.44 17.26 33.41
CA ILE A 410 18.45 17.77 32.49
C ILE A 410 19.17 18.97 33.11
N VAL B 91 15.26 -11.89 -40.18
CA VAL B 91 13.95 -11.75 -40.81
C VAL B 91 13.00 -10.96 -39.92
N LEU B 92 13.22 -11.04 -38.60
CA LEU B 92 12.47 -10.25 -37.64
C LEU B 92 12.97 -8.82 -37.55
N ALA B 93 14.21 -8.57 -37.99
CA ALA B 93 14.89 -7.31 -37.69
C ALA B 93 14.28 -6.11 -38.43
N LYS B 94 13.50 -6.33 -39.50
CA LYS B 94 12.94 -5.23 -40.27
C LYS B 94 11.54 -4.82 -39.84
N GLU B 95 10.79 -5.73 -39.23
CA GLU B 95 9.68 -5.27 -38.41
C GLU B 95 10.18 -4.37 -37.29
N LEU B 96 11.32 -4.74 -36.70
CA LEU B 96 11.90 -3.97 -35.62
C LEU B 96 12.39 -2.60 -36.07
N GLU B 97 12.68 -2.44 -37.37
CA GLU B 97 13.01 -1.11 -37.88
C GLU B 97 11.88 -0.11 -37.62
N ASP B 98 10.67 -0.61 -37.38
CA ASP B 98 9.50 0.19 -37.06
C ASP B 98 9.37 0.52 -35.57
N VAL B 99 10.33 0.12 -34.74
CA VAL B 99 10.18 0.14 -33.28
C VAL B 99 9.95 1.55 -32.75
N ASN B 100 9.93 2.55 -33.65
CA ASN B 100 9.72 3.93 -33.27
C ASN B 100 8.35 4.47 -33.68
N LYS B 101 7.52 3.68 -34.34
CA LYS B 101 6.25 4.15 -34.88
C LYS B 101 5.07 3.59 -34.10
N TRP B 102 4.03 4.40 -33.96
CA TRP B 102 2.74 3.95 -33.46
C TRP B 102 2.15 2.92 -34.41
N GLY B 103 1.93 1.71 -33.92
CA GLY B 103 1.43 0.64 -34.73
C GLY B 103 2.44 -0.43 -35.09
N LEU B 104 3.50 -0.61 -34.29
CA LEU B 104 4.41 -1.73 -34.45
C LEU B 104 3.62 -3.03 -34.53
N HIS B 105 3.94 -3.85 -35.53
CA HIS B 105 3.30 -5.16 -35.69
C HIS B 105 3.85 -6.11 -34.62
N VAL B 106 3.45 -5.85 -33.38
CA VAL B 106 4.04 -6.52 -32.23
C VAL B 106 3.68 -8.01 -32.22
N PHE B 107 2.51 -8.38 -32.73
CA PHE B 107 2.14 -9.80 -32.77
C PHE B 107 3.04 -10.56 -33.72
N ARG B 108 3.42 -9.93 -34.84
CA ARG B 108 4.39 -10.54 -35.75
C ARG B 108 5.73 -10.73 -35.05
N ILE B 109 6.24 -9.67 -34.42
CA ILE B 109 7.49 -9.74 -33.70
C ILE B 109 7.44 -10.83 -32.63
N ALA B 110 6.27 -11.01 -32.01
CA ALA B 110 6.13 -12.07 -31.02
C ALA B 110 6.38 -13.44 -31.62
N GLU B 111 5.85 -13.69 -32.82
CA GLU B 111 6.03 -15.00 -33.46
C GLU B 111 7.42 -15.13 -34.05
N LEU B 112 7.97 -14.04 -34.59
CA LEU B 112 9.29 -14.11 -35.21
C LEU B 112 10.39 -14.26 -34.17
N SER B 113 10.18 -13.75 -32.96
CA SER B 113 11.20 -13.82 -31.92
C SER B 113 11.17 -15.14 -31.15
N GLY B 114 10.31 -16.08 -31.52
CA GLY B 114 10.13 -17.27 -30.72
C GLY B 114 9.40 -16.99 -29.43
N ASN B 115 8.34 -16.20 -29.49
CA ASN B 115 7.58 -15.77 -28.31
C ASN B 115 8.49 -15.04 -27.32
N ARG B 116 9.23 -14.07 -27.84
CA ARG B 116 10.08 -13.21 -27.01
C ARG B 116 9.97 -11.73 -27.40
N PRO B 117 8.74 -11.21 -27.56
CA PRO B 117 8.65 -9.81 -28.00
C PRO B 117 9.22 -8.83 -26.99
N LEU B 118 9.04 -9.09 -25.70
CA LEU B 118 9.56 -8.18 -24.68
C LEU B 118 11.08 -8.13 -24.70
N THR B 119 11.72 -9.31 -24.75
CA THR B 119 13.18 -9.36 -24.70
C THR B 119 13.80 -8.66 -25.91
N VAL B 120 13.19 -8.80 -27.09
CA VAL B 120 13.77 -8.19 -28.27
C VAL B 120 13.36 -6.74 -28.42
N ILE B 121 12.15 -6.37 -27.98
CA ILE B 121 11.72 -4.98 -28.10
C ILE B 121 12.44 -4.11 -27.09
N MET B 122 12.78 -4.65 -25.92
CA MET B 122 13.56 -3.90 -24.95
C MET B 122 15.03 -3.82 -25.35
N HIS B 123 15.59 -4.92 -25.86
CA HIS B 123 16.97 -4.91 -26.32
C HIS B 123 17.16 -4.00 -27.52
N THR B 124 16.09 -3.74 -28.28
CA THR B 124 16.17 -2.79 -29.39
C THR B 124 16.03 -1.35 -28.89
N ILE B 125 15.09 -1.12 -27.97
CA ILE B 125 14.89 0.21 -27.40
C ILE B 125 16.08 0.61 -26.52
N PHE B 126 16.86 -0.35 -26.03
CA PHE B 126 18.05 -0.03 -25.25
C PHE B 126 19.28 0.22 -26.12
N GLN B 127 19.39 -0.47 -27.26
CA GLN B 127 20.43 -0.14 -28.23
C GLN B 127 20.09 1.11 -29.02
N GLU B 128 18.82 1.53 -29.02
CA GLU B 128 18.36 2.70 -29.77
C GLU B 128 18.51 3.99 -28.97
N ARG B 129 18.18 3.96 -27.68
CA ARG B 129 18.45 5.07 -26.79
C ARG B 129 19.84 4.99 -26.19
N ASP B 130 20.66 4.04 -26.66
CA ASP B 130 22.05 3.91 -26.23
C ASP B 130 22.16 3.85 -24.71
N LEU B 131 21.27 3.08 -24.09
CA LEU B 131 21.21 3.04 -22.63
C LEU B 131 22.23 2.08 -22.04
N LEU B 132 22.74 1.12 -22.81
CA LEU B 132 23.77 0.23 -22.28
C LEU B 132 25.06 0.99 -21.99
N LYS B 133 25.26 2.13 -22.64
CA LYS B 133 26.32 3.08 -22.31
C LYS B 133 25.69 4.41 -21.91
N THR B 134 25.91 4.81 -20.66
CA THR B 134 25.23 5.87 -19.90
C THR B 134 25.01 5.26 -18.53
N PHE B 135 24.76 3.95 -18.54
CA PHE B 135 24.54 3.19 -17.32
C PHE B 135 25.34 1.89 -17.34
N LYS B 136 26.35 1.79 -18.21
CA LYS B 136 27.23 0.64 -18.38
C LYS B 136 26.54 -0.70 -18.12
N ILE B 137 25.51 -1.00 -18.89
CA ILE B 137 24.78 -2.26 -18.78
C ILE B 137 25.48 -3.29 -19.64
N PRO B 138 26.18 -4.28 -19.09
CA PRO B 138 26.69 -5.37 -19.92
C PRO B 138 25.53 -6.03 -20.64
N VAL B 139 25.73 -6.29 -21.94
CA VAL B 139 24.61 -6.68 -22.78
C VAL B 139 24.08 -8.05 -22.38
N ASP B 140 24.96 -8.98 -22.01
CA ASP B 140 24.51 -10.30 -21.59
C ASP B 140 23.71 -10.22 -20.29
N THR B 141 23.99 -9.22 -19.45
CA THR B 141 23.23 -9.04 -18.22
C THR B 141 21.85 -8.49 -18.51
N LEU B 142 21.74 -7.53 -19.43
CA LEU B 142 20.44 -7.02 -19.84
C LEU B 142 19.59 -8.13 -20.44
N ILE B 143 20.18 -8.93 -21.34
CA ILE B 143 19.45 -10.04 -21.95
C ILE B 143 18.98 -11.02 -20.88
N THR B 144 19.86 -11.33 -19.91
CA THR B 144 19.51 -12.30 -18.88
C THR B 144 18.32 -11.84 -18.06
N TYR B 145 18.25 -10.54 -17.76
CA TYR B 145 17.11 -10.03 -16.99
C TYR B 145 15.83 -10.06 -17.83
N LEU B 146 15.89 -9.53 -19.05
CA LEU B 146 14.70 -9.51 -19.91
C LEU B 146 14.19 -10.91 -20.17
N MET B 147 15.10 -11.87 -20.34
CA MET B 147 14.68 -13.26 -20.53
C MET B 147 13.96 -13.79 -19.30
N THR B 148 14.50 -13.52 -18.11
CA THR B 148 13.85 -13.97 -16.88
C THR B 148 12.56 -13.20 -16.63
N LEU B 149 12.54 -11.91 -16.98
CA LEU B 149 11.32 -11.12 -16.85
C LEU B 149 10.22 -11.68 -17.75
N GLU B 150 10.54 -11.89 -19.03
CA GLU B 150 9.54 -12.40 -19.97
C GLU B 150 9.01 -13.76 -19.54
N ASP B 151 9.87 -14.59 -18.95
CA ASP B 151 9.44 -15.91 -18.50
C ASP B 151 8.37 -15.81 -17.41
N HIS B 152 8.41 -14.76 -16.59
CA HIS B 152 7.48 -14.61 -15.49
C HIS B 152 6.15 -13.99 -15.91
N TYR B 153 6.00 -13.62 -17.19
CA TYR B 153 4.67 -13.39 -17.75
C TYR B 153 4.08 -14.71 -18.18
N HIS B 154 2.81 -14.93 -17.85
CA HIS B 154 2.16 -16.20 -18.11
C HIS B 154 1.81 -16.32 -19.59
N ALA B 155 2.14 -17.45 -20.19
CA ALA B 155 1.82 -17.68 -21.60
C ALA B 155 0.37 -18.09 -21.81
N ASP B 156 -0.23 -18.74 -20.81
CA ASP B 156 -1.62 -19.19 -20.91
C ASP B 156 -2.62 -18.13 -20.50
N VAL B 157 -2.20 -16.87 -20.38
CA VAL B 157 -3.09 -15.75 -20.11
C VAL B 157 -3.20 -14.92 -21.37
N ALA B 158 -4.44 -14.69 -21.83
CA ALA B 158 -4.66 -14.26 -23.21
C ALA B 158 -4.22 -12.82 -23.44
N TYR B 159 -4.46 -11.93 -22.49
CA TYR B 159 -4.13 -10.52 -22.66
C TYR B 159 -2.93 -10.09 -21.84
N HIS B 160 -3.02 -10.18 -20.51
CA HIS B 160 -1.97 -9.68 -19.62
C HIS B 160 -0.77 -10.64 -19.64
N ASN B 161 -0.06 -10.61 -20.77
CA ASN B 161 1.09 -11.47 -20.97
C ASN B 161 2.27 -10.62 -21.46
N ASN B 162 3.25 -11.29 -22.07
CA ASN B 162 4.46 -10.58 -22.49
C ASN B 162 4.22 -9.70 -23.71
N ILE B 163 3.23 -10.03 -24.54
CA ILE B 163 2.94 -9.21 -25.71
C ILE B 163 2.40 -7.85 -25.29
N HIS B 164 1.47 -7.84 -24.32
CA HIS B 164 0.97 -6.59 -23.78
C HIS B 164 2.08 -5.79 -23.13
N ALA B 165 2.98 -6.46 -22.42
CA ALA B 165 4.13 -5.78 -21.83
C ALA B 165 5.02 -5.20 -22.92
N ALA B 166 5.32 -5.98 -23.95
CA ALA B 166 6.11 -5.48 -25.06
C ALA B 166 5.42 -4.31 -25.75
N ASP B 167 4.09 -4.34 -25.81
CA ASP B 167 3.35 -3.27 -26.46
C ASP B 167 3.37 -1.99 -25.63
N VAL B 168 3.29 -2.11 -24.30
CA VAL B 168 3.27 -0.93 -23.45
C VAL B 168 4.66 -0.29 -23.39
N VAL B 169 5.71 -1.11 -23.36
CA VAL B 169 7.07 -0.60 -23.47
C VAL B 169 7.22 0.24 -24.72
N GLN B 170 6.92 -0.36 -25.87
CA GLN B 170 7.10 0.32 -27.15
C GLN B 170 6.23 1.55 -27.26
N SER B 171 5.03 1.53 -26.66
CA SER B 171 4.14 2.68 -26.75
C SER B 171 4.62 3.83 -25.88
N THR B 172 5.03 3.54 -24.64
CA THR B 172 5.67 4.56 -23.82
C THR B 172 6.93 5.09 -24.50
N HIS B 173 7.67 4.21 -25.17
CA HIS B 173 8.89 4.60 -25.86
C HIS B 173 8.64 5.65 -26.93
N VAL B 174 7.43 5.73 -27.47
CA VAL B 174 7.14 6.65 -28.55
C VAL B 174 6.46 7.91 -28.00
N LEU B 175 5.63 7.74 -26.96
CA LEU B 175 5.18 8.89 -26.21
C LEU B 175 6.31 9.57 -25.45
N LEU B 176 7.49 8.94 -25.42
CA LEU B 176 8.70 9.55 -24.89
C LEU B 176 9.50 10.30 -25.95
N SER B 177 9.23 10.03 -27.24
CA SER B 177 9.86 10.71 -28.35
C SER B 177 8.97 11.76 -28.98
N THR B 178 7.86 12.07 -28.34
CA THR B 178 7.02 13.14 -28.79
C THR B 178 7.81 14.45 -28.76
N PRO B 179 7.58 15.32 -29.73
CA PRO B 179 8.38 16.58 -29.80
C PRO B 179 8.18 17.53 -28.61
N ALA B 180 6.96 17.66 -28.10
CA ALA B 180 6.75 18.55 -26.97
C ALA B 180 7.45 18.05 -25.70
N LEU B 181 7.69 16.75 -25.60
CA LEU B 181 8.44 16.14 -24.50
C LEU B 181 9.71 15.54 -25.10
N GLU B 182 10.75 16.38 -25.26
CA GLU B 182 12.00 15.94 -25.90
C GLU B 182 13.15 16.54 -25.10
N ALA B 183 13.82 15.68 -24.32
CA ALA B 183 14.87 16.06 -23.38
C ALA B 183 14.32 16.94 -22.24
N VAL B 184 13.07 16.70 -21.86
CA VAL B 184 12.54 17.18 -20.59
C VAL B 184 12.63 16.11 -19.50
N PHE B 185 13.15 14.93 -19.85
CA PHE B 185 13.34 13.83 -18.91
C PHE B 185 14.78 13.36 -18.99
N THR B 186 15.37 13.07 -17.83
CA THR B 186 16.71 12.52 -17.77
C THR B 186 16.80 11.22 -18.56
N ASP B 187 18.02 10.77 -18.82
CA ASP B 187 18.18 9.39 -19.24
C ASP B 187 17.79 8.43 -18.14
N LEU B 188 17.74 8.89 -16.89
CA LEU B 188 17.27 8.06 -15.79
C LEU B 188 15.76 8.01 -15.72
N GLU B 189 15.09 9.14 -15.95
CA GLU B 189 13.64 9.17 -15.92
C GLU B 189 13.06 8.41 -17.11
N ILE B 190 13.63 8.61 -18.29
CA ILE B 190 13.35 7.77 -19.46
C ILE B 190 13.49 6.31 -19.04
N LEU B 191 14.60 6.00 -18.37
CA LEU B 191 14.89 4.62 -17.99
C LEU B 191 13.82 4.08 -17.04
N ALA B 192 13.28 4.93 -16.16
CA ALA B 192 12.24 4.48 -15.24
C ALA B 192 10.96 4.14 -15.98
N ALA B 193 10.48 5.07 -16.82
CA ALA B 193 9.22 4.87 -17.52
C ALA B 193 9.24 3.62 -18.40
N ILE B 194 10.38 3.29 -18.98
CA ILE B 194 10.47 2.12 -19.85
C ILE B 194 10.54 0.84 -19.03
N PHE B 195 11.44 0.81 -18.04
CA PHE B 195 11.53 -0.36 -17.16
C PHE B 195 10.22 -0.59 -16.41
N ALA B 196 9.53 0.49 -16.01
CA ALA B 196 8.24 0.35 -15.36
C ALA B 196 7.22 -0.27 -16.30
N SER B 197 7.13 0.25 -17.52
CA SER B 197 6.24 -0.34 -18.52
C SER B 197 6.52 -1.82 -18.72
N ALA B 198 7.81 -2.21 -18.62
CA ALA B 198 8.19 -3.59 -18.89
C ALA B 198 7.72 -4.52 -17.79
N ILE B 199 7.75 -4.06 -16.53
CA ILE B 199 7.41 -4.90 -15.40
C ILE B 199 5.97 -4.70 -14.93
N HIS B 200 5.23 -3.80 -15.56
CA HIS B 200 4.00 -3.27 -14.97
C HIS B 200 2.89 -4.31 -14.84
N ASP B 201 3.00 -5.47 -15.48
CA ASP B 201 1.99 -6.52 -15.35
C ASP B 201 2.62 -7.90 -15.16
N VAL B 202 3.86 -7.97 -14.68
CA VAL B 202 4.56 -9.25 -14.63
C VAL B 202 3.88 -10.18 -13.65
N ASP B 203 3.81 -11.47 -14.01
CA ASP B 203 3.20 -12.51 -13.19
C ASP B 203 1.70 -12.27 -12.98
N HIS B 204 1.05 -11.66 -13.96
CA HIS B 204 -0.39 -11.42 -13.88
C HIS B 204 -1.13 -12.74 -14.03
N PRO B 205 -1.97 -13.13 -13.06
CA PRO B 205 -2.70 -14.40 -13.17
C PRO B 205 -3.88 -14.38 -14.12
N GLY B 206 -4.19 -13.23 -14.72
CA GLY B 206 -5.32 -13.14 -15.62
C GLY B 206 -6.65 -12.85 -14.98
N VAL B 207 -6.66 -12.37 -13.73
CA VAL B 207 -7.90 -12.01 -13.04
C VAL B 207 -7.71 -10.65 -12.37
N SER B 208 -8.84 -10.03 -12.04
CA SER B 208 -8.86 -8.67 -11.54
C SER B 208 -8.47 -8.63 -10.06
N ASN B 209 -8.19 -7.41 -9.58
CA ASN B 209 -7.97 -7.20 -8.15
C ASN B 209 -9.21 -7.58 -7.35
N GLN B 210 -10.39 -7.14 -7.80
CA GLN B 210 -11.62 -7.44 -7.08
C GLN B 210 -11.85 -8.94 -6.98
N PHE B 211 -11.50 -9.69 -8.03
CA PHE B 211 -11.58 -11.14 -7.96
C PHE B 211 -10.64 -11.68 -6.90
N LEU B 212 -9.38 -11.22 -6.92
CA LEU B 212 -8.40 -11.70 -5.94
C LEU B 212 -8.84 -11.33 -4.53
N ILE B 213 -9.48 -10.17 -4.35
CA ILE B 213 -9.96 -9.78 -3.04
C ILE B 213 -11.11 -10.68 -2.60
N ASN B 214 -12.14 -10.81 -3.47
CA ASN B 214 -13.34 -11.54 -3.10
C ASN B 214 -13.11 -13.03 -2.89
N THR B 215 -11.98 -13.57 -3.36
CA THR B 215 -11.70 -14.99 -3.23
C THR B 215 -10.67 -15.30 -2.16
N ASN B 216 -10.30 -14.30 -1.34
CA ASN B 216 -9.34 -14.48 -0.25
C ASN B 216 -8.04 -15.09 -0.76
N SER B 217 -7.56 -14.59 -1.89
CA SER B 217 -6.34 -15.10 -2.49
C SER B 217 -5.14 -14.79 -1.60
N GLU B 218 -4.06 -15.53 -1.84
CA GLU B 218 -2.80 -15.23 -1.15
C GLU B 218 -2.31 -13.83 -1.47
N LEU B 219 -2.54 -13.38 -2.71
CA LEU B 219 -2.11 -12.04 -3.11
C LEU B 219 -2.84 -10.96 -2.32
N ALA B 220 -4.18 -11.03 -2.29
CA ALA B 220 -4.95 -10.04 -1.55
C ALA B 220 -4.64 -10.08 -0.06
N LEU B 221 -4.39 -11.28 0.48
CA LEU B 221 -4.00 -11.42 1.88
C LEU B 221 -2.66 -10.75 2.15
N MET B 222 -1.73 -10.86 1.19
CA MET B 222 -0.41 -10.25 1.37
C MET B 222 -0.49 -8.74 1.32
N TYR B 223 -1.28 -8.18 0.40
CA TYR B 223 -1.25 -6.76 0.11
C TYR B 223 -2.46 -6.00 0.62
N ASN B 224 -3.26 -6.61 1.50
CA ASN B 224 -4.31 -5.91 2.24
C ASN B 224 -5.31 -5.22 1.32
N ASP B 225 -5.64 -5.89 0.22
CA ASP B 225 -6.71 -5.50 -0.72
C ASP B 225 -6.43 -4.19 -1.45
N SER B 226 -5.22 -3.64 -1.35
CA SER B 226 -4.89 -2.35 -1.94
C SER B 226 -3.89 -2.55 -3.07
N SER B 227 -4.33 -2.24 -4.30
CA SER B 227 -3.48 -2.37 -5.50
C SER B 227 -2.74 -3.70 -5.50
N VAL B 228 -3.51 -4.78 -5.35
CA VAL B 228 -2.93 -6.10 -5.08
C VAL B 228 -2.04 -6.54 -6.23
N LEU B 229 -2.54 -6.48 -7.46
CA LEU B 229 -1.75 -6.90 -8.60
C LEU B 229 -0.55 -5.99 -8.81
N GLU B 230 -0.76 -4.67 -8.74
CA GLU B 230 0.29 -3.72 -9.10
C GLU B 230 1.43 -3.77 -8.08
N ASN B 231 1.11 -3.93 -6.79
CA ASN B 231 2.17 -4.16 -5.80
C ASN B 231 2.97 -5.41 -6.13
N HIS B 232 2.30 -6.45 -6.62
CA HIS B 232 2.97 -7.71 -6.92
C HIS B 232 3.82 -7.59 -8.19
N HIS B 233 3.31 -6.88 -9.20
CA HIS B 233 4.11 -6.63 -10.41
C HIS B 233 5.43 -5.97 -10.05
N LEU B 234 5.37 -4.93 -9.22
CA LEU B 234 6.59 -4.25 -8.79
C LEU B 234 7.52 -5.19 -8.04
N ALA B 235 6.98 -5.93 -7.07
CA ALA B 235 7.81 -6.80 -6.23
C ALA B 235 8.54 -7.85 -7.07
N VAL B 236 7.84 -8.46 -8.02
CA VAL B 236 8.48 -9.46 -8.87
C VAL B 236 9.50 -8.81 -9.80
N GLY B 237 9.16 -7.64 -10.35
CA GLY B 237 10.09 -6.97 -11.26
C GLY B 237 11.40 -6.60 -10.59
N PHE B 238 11.33 -6.10 -9.36
CA PHE B 238 12.56 -5.78 -8.63
C PHE B 238 13.26 -7.05 -8.14
N LYS B 239 12.48 -8.04 -7.71
CA LYS B 239 13.06 -9.28 -7.19
C LYS B 239 13.94 -9.97 -8.22
N LEU B 240 13.51 -9.97 -9.48
CA LEU B 240 14.26 -10.65 -10.53
C LEU B 240 15.63 -10.01 -10.79
N LEU B 241 15.81 -8.74 -10.39
CA LEU B 241 17.11 -8.10 -10.53
C LEU B 241 18.19 -8.81 -9.71
N GLN B 242 17.81 -9.56 -8.69
CA GLN B 242 18.76 -10.16 -7.77
C GLN B 242 19.18 -11.58 -8.16
N GLU B 243 18.60 -12.14 -9.22
CA GLU B 243 19.06 -13.44 -9.70
C GLU B 243 20.36 -13.29 -10.49
N GLU B 244 21.03 -14.42 -10.71
CA GLU B 244 22.38 -14.43 -11.27
C GLU B 244 22.48 -13.57 -12.53
N ASN B 245 23.34 -12.56 -12.49
CA ASN B 245 23.67 -11.75 -13.67
C ASN B 245 22.45 -11.04 -14.24
N CYS B 246 21.59 -10.50 -13.37
CA CYS B 246 20.38 -9.80 -13.79
C CYS B 246 20.31 -8.35 -13.34
N ASP B 247 21.19 -7.91 -12.45
CA ASP B 247 21.17 -6.53 -11.97
C ASP B 247 21.57 -5.56 -13.07
N ILE B 248 20.63 -5.17 -13.92
CA ILE B 248 20.94 -4.21 -14.99
C ILE B 248 21.20 -2.81 -14.49
N PHE B 249 21.00 -2.57 -13.18
CA PHE B 249 21.23 -1.28 -12.56
C PHE B 249 22.48 -1.28 -11.68
N GLN B 250 23.39 -2.22 -11.92
CA GLN B 250 24.54 -2.42 -11.02
C GLN B 250 25.49 -1.23 -11.04
N ASN B 251 25.56 -0.51 -12.16
CA ASN B 251 26.52 0.58 -12.31
C ASN B 251 25.84 1.96 -12.26
N LEU B 252 24.63 2.03 -11.73
CA LEU B 252 24.07 3.30 -11.31
C LEU B 252 24.70 3.70 -9.98
N THR B 253 24.70 5.00 -9.70
CA THR B 253 25.13 5.42 -8.37
C THR B 253 24.02 5.13 -7.36
N LYS B 254 24.37 5.30 -6.07
CA LYS B 254 23.46 4.90 -5.01
C LYS B 254 22.17 5.70 -5.03
N LYS B 255 22.27 7.03 -5.15
CA LYS B 255 21.08 7.85 -5.18
C LYS B 255 20.26 7.60 -6.45
N GLN B 256 20.94 7.31 -7.57
CA GLN B 256 20.22 7.01 -8.81
C GLN B 256 19.31 5.80 -8.63
N ARG B 257 19.80 4.75 -7.96
CA ARG B 257 18.98 3.56 -7.76
C ARG B 257 17.78 3.85 -6.87
N GLN B 258 17.98 4.63 -5.80
CA GLN B 258 16.86 5.02 -4.95
C GLN B 258 15.85 5.86 -5.72
N SER B 259 16.34 6.74 -6.60
CA SER B 259 15.44 7.60 -7.35
C SER B 259 14.68 6.82 -8.42
N LEU B 260 15.36 5.89 -9.09
CA LEU B 260 14.69 5.06 -10.08
C LEU B 260 13.63 4.17 -9.44
N ARG B 261 13.97 3.58 -8.29
CA ARG B 261 13.01 2.73 -7.57
C ARG B 261 11.75 3.51 -7.20
N LYS B 262 11.93 4.72 -6.66
CA LYS B 262 10.78 5.53 -6.26
C LYS B 262 9.89 5.86 -7.45
N MET B 263 10.47 6.17 -8.60
CA MET B 263 9.68 6.54 -9.76
C MET B 263 8.97 5.35 -10.37
N VAL B 264 9.65 4.21 -10.48
CA VAL B 264 9.01 3.00 -11.00
C VAL B 264 7.82 2.61 -10.13
N ILE B 265 7.98 2.69 -8.81
CA ILE B 265 6.89 2.37 -7.89
C ILE B 265 5.72 3.31 -8.10
N ASP B 266 6.01 4.61 -8.18
CA ASP B 266 4.95 5.59 -8.38
C ASP B 266 4.24 5.39 -9.70
N ILE B 267 4.94 4.93 -10.73
CA ILE B 267 4.33 4.75 -12.04
C ILE B 267 3.44 3.52 -12.07
N VAL B 268 3.99 2.37 -11.66
CA VAL B 268 3.26 1.11 -11.79
C VAL B 268 2.04 1.10 -10.88
N LEU B 269 2.17 1.62 -9.66
CA LEU B 269 1.01 1.73 -8.78
C LEU B 269 -0.08 2.60 -9.39
N ALA B 270 0.30 3.54 -10.26
CA ALA B 270 -0.67 4.40 -10.93
C ALA B 270 -1.37 3.70 -12.11
N THR B 271 -0.95 2.49 -12.47
CA THR B 271 -1.66 1.73 -13.49
C THR B 271 -2.88 1.01 -12.95
N ASP B 272 -3.09 1.03 -11.63
CA ASP B 272 -4.31 0.51 -11.04
C ASP B 272 -5.50 1.30 -11.56
N MET B 273 -6.47 0.61 -12.15
CA MET B 273 -7.62 1.27 -12.73
C MET B 273 -8.48 1.97 -11.69
N SER B 274 -8.41 1.54 -10.42
CA SER B 274 -9.18 2.21 -9.38
C SER B 274 -8.66 3.61 -9.06
N LYS B 275 -7.52 3.99 -9.65
CA LYS B 275 -6.99 5.34 -9.50
C LYS B 275 -7.11 6.16 -10.80
N HIS B 276 -7.92 5.69 -11.76
CA HIS B 276 -8.01 6.38 -13.04
C HIS B 276 -8.62 7.76 -12.89
N MET B 277 -9.75 7.85 -12.18
CA MET B 277 -10.48 9.10 -12.09
C MET B 277 -9.67 10.18 -11.37
N ASN B 278 -9.01 9.81 -10.26
CA ASN B 278 -8.11 10.75 -9.60
C ASN B 278 -6.96 11.15 -10.51
N LEU B 279 -6.39 10.18 -11.25
CA LEU B 279 -5.25 10.46 -12.09
C LEU B 279 -5.61 11.33 -13.28
N LEU B 280 -6.87 11.25 -13.75
CA LEU B 280 -7.28 12.06 -14.88
C LEU B 280 -7.60 13.49 -14.47
N ALA B 281 -8.26 13.67 -13.33
CA ALA B 281 -8.53 15.02 -12.84
C ALA B 281 -7.24 15.80 -12.60
N ASP B 282 -6.18 15.11 -12.18
CA ASP B 282 -4.90 15.79 -11.99
C ASP B 282 -4.24 16.13 -13.33
N LEU B 283 -4.42 15.26 -14.33
CA LEU B 283 -3.88 15.57 -15.66
C LEU B 283 -4.63 16.73 -16.29
N LYS B 284 -5.95 16.81 -16.08
CA LYS B 284 -6.71 17.96 -16.55
C LYS B 284 -6.25 19.24 -15.86
N THR B 285 -6.07 19.18 -14.54
CA THR B 285 -5.63 20.35 -13.78
C THR B 285 -4.30 20.88 -14.33
N MET B 286 -3.33 19.98 -14.53
CA MET B 286 -2.08 20.38 -15.15
C MET B 286 -2.30 21.02 -16.52
N VAL B 287 -3.33 20.58 -17.23
CA VAL B 287 -3.65 21.15 -18.53
C VAL B 287 -4.40 22.47 -18.37
N GLU B 288 -5.33 22.54 -17.40
CA GLU B 288 -6.16 23.72 -17.25
C GLU B 288 -5.32 24.97 -17.03
N THR B 289 -4.36 24.91 -16.11
CA THR B 289 -3.40 25.99 -15.98
C THR B 289 -2.02 25.51 -16.43
N LYS B 290 -1.96 24.92 -17.63
CA LYS B 290 -0.71 24.53 -18.26
C LYS B 290 0.18 25.76 -18.43
N LYS B 291 1.49 25.54 -18.59
CA LYS B 291 2.36 26.60 -19.09
C LYS B 291 3.28 26.00 -20.15
N VAL B 292 3.15 26.51 -21.36
CA VAL B 292 3.99 26.12 -22.48
C VAL B 292 4.93 27.29 -22.78
N THR B 293 5.94 27.04 -23.59
CA THR B 293 6.84 28.11 -23.99
C THR B 293 6.25 28.97 -25.10
N SER B 294 5.70 28.31 -26.13
CA SER B 294 5.42 28.80 -27.48
C SER B 294 6.64 28.51 -28.35
N SER B 295 6.64 27.30 -28.92
CA SER B 295 7.71 26.66 -29.69
C SER B 295 7.47 25.17 -29.57
N GLY B 296 6.79 24.77 -28.50
CA GLY B 296 6.40 23.39 -28.30
C GLY B 296 6.44 22.90 -26.86
N VAL B 297 7.62 22.98 -26.24
CA VAL B 297 7.91 22.21 -25.04
C VAL B 297 7.09 22.72 -23.84
N LEU B 298 6.73 21.80 -22.95
CA LEU B 298 5.95 22.04 -21.76
C LEU B 298 6.87 22.18 -20.55
N LEU B 299 6.42 22.96 -19.55
CA LEU B 299 7.28 23.43 -18.47
C LEU B 299 6.81 22.88 -17.13
N LEU B 300 7.52 21.87 -16.62
CA LEU B 300 7.34 21.34 -15.28
C LEU B 300 8.57 21.66 -14.45
N ASP B 301 8.37 21.98 -13.18
CA ASP B 301 9.46 22.46 -12.34
C ASP B 301 9.83 21.54 -11.19
N ASN B 302 8.88 21.02 -10.42
CA ASN B 302 9.24 20.29 -9.21
C ASN B 302 9.54 18.82 -9.46
N TYR B 303 8.72 17.93 -8.87
CA TYR B 303 8.69 16.49 -9.17
C TYR B 303 7.30 15.90 -9.14
N SER B 304 6.39 16.41 -8.29
CA SER B 304 5.04 15.86 -8.19
C SER B 304 4.27 15.98 -9.50
N ASP B 305 4.62 16.95 -10.34
CA ASP B 305 3.97 17.10 -11.63
C ASP B 305 4.75 16.48 -12.77
N ARG B 306 6.07 16.31 -12.61
CA ARG B 306 6.83 15.57 -13.59
C ARG B 306 6.57 14.07 -13.47
N ILE B 307 6.32 13.57 -12.27
CA ILE B 307 5.99 12.16 -12.13
C ILE B 307 4.53 11.88 -12.54
N GLN B 308 3.65 12.87 -12.40
CA GLN B 308 2.27 12.69 -12.86
C GLN B 308 2.20 12.54 -14.38
N VAL B 309 3.13 13.18 -15.10
CA VAL B 309 3.13 13.10 -16.55
C VAL B 309 3.49 11.69 -17.01
N LEU B 310 4.52 11.09 -16.42
CA LEU B 310 4.88 9.73 -16.78
C LEU B 310 3.94 8.70 -16.19
N GLN B 311 3.22 9.03 -15.10
CA GLN B 311 2.14 8.16 -14.64
C GLN B 311 1.04 8.10 -15.69
N ASN B 312 0.52 9.26 -16.10
CA ASN B 312 -0.49 9.31 -17.15
C ASN B 312 0.05 8.78 -18.47
N MET B 313 1.34 8.96 -18.74
CA MET B 313 1.92 8.47 -19.99
C MET B 313 1.88 6.95 -20.04
N VAL B 314 2.34 6.28 -18.98
CA VAL B 314 2.29 4.82 -18.96
C VAL B 314 0.85 4.34 -18.81
N HIS B 315 0.02 5.12 -18.11
CA HIS B 315 -1.41 4.83 -18.07
C HIS B 315 -2.03 4.91 -19.46
N CYS B 316 -1.60 5.90 -20.26
CA CYS B 316 -2.09 6.01 -21.63
C CYS B 316 -1.60 4.84 -22.48
N ALA B 317 -0.31 4.51 -22.38
CA ALA B 317 0.22 3.37 -23.13
C ALA B 317 -0.43 2.06 -22.68
N ASP B 318 -0.84 1.99 -21.41
CA ASP B 318 -1.60 0.84 -20.95
C ASP B 318 -2.99 0.79 -21.56
N LEU B 319 -3.59 1.97 -21.79
CA LEU B 319 -4.92 2.08 -22.37
C LEU B 319 -4.86 2.55 -23.82
N SER B 320 -3.87 2.06 -24.58
CA SER B 320 -3.62 2.52 -25.93
C SER B 320 -4.11 1.56 -27.00
N ASN B 321 -4.64 0.40 -26.61
CA ASN B 321 -5.19 -0.53 -27.60
C ASN B 321 -6.18 0.11 -28.56
N PRO B 322 -7.19 0.87 -28.11
CA PRO B 322 -8.15 1.46 -29.06
C PRO B 322 -7.57 2.59 -29.92
N THR B 323 -6.33 3.00 -29.69
CA THR B 323 -5.71 4.04 -30.51
C THR B 323 -4.80 3.49 -31.59
N LYS B 324 -4.58 2.18 -31.61
CA LYS B 324 -3.74 1.53 -32.61
C LYS B 324 -4.57 1.21 -33.85
N PRO B 325 -3.93 0.83 -34.95
CA PRO B 325 -4.69 0.44 -36.15
C PRO B 325 -5.68 -0.67 -35.85
N LEU B 326 -6.78 -0.68 -36.61
CA LEU B 326 -7.89 -1.56 -36.29
C LEU B 326 -7.49 -3.04 -36.25
N GLN B 327 -6.61 -3.50 -37.13
CA GLN B 327 -6.25 -4.93 -37.07
C GLN B 327 -5.48 -5.27 -35.80
N LEU B 328 -4.77 -4.30 -35.23
CA LEU B 328 -4.13 -4.54 -33.95
C LEU B 328 -5.14 -4.45 -32.81
N TYR B 329 -5.94 -3.38 -32.80
CA TYR B 329 -6.96 -3.17 -31.77
C TYR B 329 -7.88 -4.39 -31.66
N ARG B 330 -8.33 -4.91 -32.79
CA ARG B 330 -9.29 -6.01 -32.76
C ARG B 330 -8.71 -7.27 -32.12
N GLN B 331 -7.41 -7.52 -32.31
CA GLN B 331 -6.79 -8.66 -31.66
C GLN B 331 -6.70 -8.45 -30.16
N TRP B 332 -6.34 -7.24 -29.73
CA TRP B 332 -6.37 -6.92 -28.31
C TRP B 332 -7.76 -7.13 -27.72
N THR B 333 -8.79 -6.75 -28.47
CA THR B 333 -10.16 -6.94 -28.00
C THR B 333 -10.49 -8.42 -27.88
N ASP B 334 -10.07 -9.23 -28.85
CA ASP B 334 -10.26 -10.67 -28.75
C ASP B 334 -9.57 -11.24 -27.52
N ARG B 335 -8.38 -10.73 -27.20
CA ARG B 335 -7.59 -11.30 -26.11
C ARG B 335 -8.11 -10.87 -24.75
N ILE B 336 -8.58 -9.64 -24.61
CA ILE B 336 -9.09 -9.19 -23.32
C ILE B 336 -10.44 -9.84 -23.01
N MET B 337 -11.28 -10.04 -24.04
CA MET B 337 -12.56 -10.68 -23.82
C MET B 337 -12.40 -12.16 -23.55
N GLU B 338 -11.40 -12.78 -24.16
CA GLU B 338 -11.06 -14.15 -23.81
C GLU B 338 -10.69 -14.25 -22.34
N GLU B 339 -9.81 -13.37 -21.87
CA GLU B 339 -9.39 -13.37 -20.47
C GLU B 339 -10.56 -13.03 -19.55
N PHE B 340 -11.42 -12.08 -19.96
CA PHE B 340 -12.58 -11.74 -19.14
C PHE B 340 -13.54 -12.90 -19.03
N PHE B 341 -13.77 -13.64 -20.12
CA PHE B 341 -14.74 -14.72 -20.10
C PHE B 341 -14.28 -15.88 -19.21
N ARG B 342 -12.98 -16.15 -19.17
CA ARG B 342 -12.45 -17.16 -18.24
C ARG B 342 -12.71 -16.75 -16.79
N GLN B 343 -12.48 -15.47 -16.47
CA GLN B 343 -12.76 -15.02 -15.12
C GLN B 343 -14.25 -15.12 -14.81
N GLY B 344 -15.09 -14.69 -15.75
CA GLY B 344 -16.53 -14.78 -15.54
C GLY B 344 -17.01 -16.19 -15.29
N ASP B 345 -16.41 -17.16 -15.98
CA ASP B 345 -16.74 -18.56 -15.72
C ASP B 345 -16.37 -18.96 -14.30
N ARG B 346 -15.13 -18.67 -13.90
CA ARG B 346 -14.69 -19.01 -12.54
C ARG B 346 -15.46 -18.22 -11.49
N GLU B 347 -16.00 -17.06 -11.85
CA GLU B 347 -16.87 -16.31 -10.95
C GLU B 347 -18.27 -16.92 -10.85
N ARG B 348 -18.66 -17.75 -11.82
CA ARG B 348 -19.94 -18.43 -11.75
C ARG B 348 -19.84 -19.79 -11.10
N GLU B 349 -18.73 -20.50 -11.31
CA GLU B 349 -18.45 -21.74 -10.59
C GLU B 349 -18.01 -21.42 -9.17
N ARG B 350 -18.72 -20.50 -8.52
CA ARG B 350 -18.35 -19.96 -7.22
C ARG B 350 -19.54 -19.26 -6.59
N GLY B 351 -20.50 -18.84 -7.42
CA GLY B 351 -21.64 -18.11 -6.93
C GLY B 351 -21.43 -16.63 -6.71
N MET B 352 -20.37 -16.07 -7.30
CA MET B 352 -20.08 -14.65 -7.15
C MET B 352 -20.87 -13.83 -8.17
N GLU B 353 -21.05 -12.55 -7.84
CA GLU B 353 -21.60 -11.63 -8.83
C GLU B 353 -20.61 -11.49 -9.99
N ILE B 354 -21.10 -11.74 -11.20
CA ILE B 354 -20.22 -11.74 -12.36
C ILE B 354 -19.73 -10.33 -12.63
N SER B 355 -18.40 -10.19 -12.75
CA SER B 355 -17.81 -8.88 -12.98
C SER B 355 -18.30 -8.31 -14.30
N PRO B 356 -18.42 -6.98 -14.41
CA PRO B 356 -18.84 -6.37 -15.67
C PRO B 356 -17.97 -6.81 -16.84
N MET B 357 -18.62 -7.16 -17.94
CA MET B 357 -18.05 -7.59 -19.24
C MET B 357 -17.50 -9.00 -19.20
N CYS B 358 -17.68 -9.76 -18.11
CA CYS B 358 -17.08 -11.08 -17.99
C CYS B 358 -18.06 -12.22 -18.21
N ASP B 359 -19.35 -11.92 -18.40
CA ASP B 359 -20.38 -12.93 -18.59
C ASP B 359 -20.50 -13.23 -20.08
N LYS B 360 -20.05 -14.41 -20.50
CA LYS B 360 -20.04 -14.74 -21.92
C LYS B 360 -21.42 -14.99 -22.48
N HIS B 361 -22.45 -15.15 -21.65
CA HIS B 361 -23.82 -15.33 -22.10
C HIS B 361 -24.64 -14.05 -22.05
N ASN B 362 -24.05 -12.94 -21.61
CA ASN B 362 -24.76 -11.66 -21.55
C ASN B 362 -23.88 -10.51 -22.01
N ALA B 363 -22.83 -10.78 -22.77
CA ALA B 363 -21.86 -9.76 -23.16
C ALA B 363 -22.12 -9.29 -24.58
N SER B 364 -21.93 -7.99 -24.79
CA SER B 364 -21.80 -7.41 -26.12
C SER B 364 -20.37 -6.90 -26.21
N VAL B 365 -19.51 -7.67 -26.89
CA VAL B 365 -18.11 -7.28 -27.05
C VAL B 365 -17.99 -5.89 -27.67
N GLU B 366 -18.94 -5.53 -28.53
CA GLU B 366 -18.83 -4.28 -29.27
C GLU B 366 -19.35 -3.09 -28.46
N LYS B 367 -20.45 -3.26 -27.73
CA LYS B 367 -20.91 -2.19 -26.84
C LYS B 367 -19.88 -1.91 -25.76
N SER B 368 -19.24 -2.95 -25.23
CA SER B 368 -18.24 -2.76 -24.18
C SER B 368 -17.07 -1.92 -24.69
N GLN B 369 -16.65 -2.15 -25.93
CA GLN B 369 -15.55 -1.37 -26.49
C GLN B 369 -15.94 0.09 -26.70
N VAL B 370 -17.18 0.33 -27.15
CA VAL B 370 -17.64 1.70 -27.33
C VAL B 370 -17.77 2.40 -25.98
N GLY B 371 -18.31 1.69 -24.98
CA GLY B 371 -18.34 2.26 -23.63
C GLY B 371 -16.95 2.46 -23.06
N PHE B 372 -16.05 1.50 -23.31
CA PHE B 372 -14.66 1.64 -22.90
C PHE B 372 -14.03 2.91 -23.46
N ILE B 373 -14.32 3.20 -24.74
CA ILE B 373 -13.76 4.40 -25.36
C ILE B 373 -14.43 5.66 -24.82
N ASP B 374 -15.76 5.67 -24.78
CA ASP B 374 -16.48 6.87 -24.37
C ASP B 374 -16.12 7.29 -22.95
N TYR B 375 -16.07 6.32 -22.03
CA TYR B 375 -16.00 6.66 -20.61
C TYR B 375 -14.60 6.61 -20.02
N ILE B 376 -13.62 5.99 -20.69
CA ILE B 376 -12.29 5.88 -20.12
C ILE B 376 -11.23 6.33 -21.12
N VAL B 377 -11.19 5.68 -22.29
CA VAL B 377 -10.04 5.85 -23.17
C VAL B 377 -10.03 7.23 -23.82
N HIS B 378 -11.19 7.69 -24.32
CA HIS B 378 -11.20 8.97 -25.03
C HIS B 378 -11.00 10.16 -24.09
N PRO B 379 -11.69 10.28 -22.95
CA PRO B 379 -11.39 11.40 -22.03
C PRO B 379 -9.92 11.45 -21.63
N LEU B 380 -9.28 10.30 -21.48
CA LEU B 380 -7.86 10.26 -21.12
C LEU B 380 -6.98 10.75 -22.27
N TRP B 381 -7.25 10.28 -23.49
CA TRP B 381 -6.39 10.62 -24.62
C TRP B 381 -6.67 12.00 -25.17
N GLU B 382 -7.88 12.52 -24.99
CA GLU B 382 -8.13 13.93 -25.28
C GLU B 382 -7.27 14.83 -24.40
N THR B 383 -7.22 14.52 -23.11
CA THR B 383 -6.43 15.31 -22.18
C THR B 383 -4.94 15.20 -22.46
N TRP B 384 -4.47 13.98 -22.78
CA TRP B 384 -3.06 13.83 -23.13
C TRP B 384 -2.71 14.60 -24.39
N ALA B 385 -3.59 14.57 -25.40
CA ALA B 385 -3.31 15.28 -26.64
C ALA B 385 -3.41 16.78 -26.48
N ASP B 386 -4.27 17.26 -25.56
CA ASP B 386 -4.25 18.67 -25.20
C ASP B 386 -2.91 19.05 -24.58
N LEU B 387 -2.43 18.25 -23.63
CA LEU B 387 -1.18 18.53 -22.94
C LEU B 387 -0.01 18.60 -23.92
N VAL B 388 -0.04 17.75 -24.93
CA VAL B 388 1.06 17.61 -25.86
C VAL B 388 0.71 18.18 -27.24
N HIS B 389 -0.31 19.05 -27.29
CA HIS B 389 -0.81 19.67 -28.53
C HIS B 389 0.27 20.12 -29.51
N PRO B 390 0.19 19.63 -30.76
CA PRO B 390 -0.76 18.61 -31.22
C PRO B 390 -0.20 17.21 -31.06
N ASP B 391 0.86 16.89 -31.81
CA ASP B 391 1.71 15.73 -31.52
C ASP B 391 0.94 14.42 -31.59
N ALA B 392 0.01 14.25 -30.66
CA ALA B 392 -0.85 13.08 -30.57
C ALA B 392 -2.20 13.36 -31.23
N GLN B 393 -2.18 13.94 -32.42
CA GLN B 393 -3.40 14.08 -33.21
C GLN B 393 -3.62 12.88 -34.12
N ASP B 394 -2.55 12.30 -34.67
CA ASP B 394 -2.69 11.03 -35.39
C ASP B 394 -3.23 9.94 -34.47
N ILE B 395 -2.77 9.93 -33.22
CA ILE B 395 -3.25 8.93 -32.26
C ILE B 395 -4.71 9.19 -31.91
N LEU B 396 -5.05 10.45 -31.62
CA LEU B 396 -6.44 10.78 -31.31
C LEU B 396 -7.35 10.57 -32.51
N ASP B 397 -6.85 10.82 -33.73
CA ASP B 397 -7.65 10.56 -34.92
C ASP B 397 -7.96 9.07 -35.04
N THR B 398 -6.92 8.23 -35.01
CA THR B 398 -7.11 6.78 -35.11
C THR B 398 -8.07 6.26 -34.05
N LEU B 399 -8.08 6.88 -32.86
CA LEU B 399 -8.99 6.46 -31.79
C LEU B 399 -10.44 6.67 -32.20
N GLU B 400 -10.77 7.89 -32.62
CA GLU B 400 -12.16 8.20 -32.97
C GLU B 400 -12.59 7.51 -34.26
N ASP B 401 -11.64 7.15 -35.13
CA ASP B 401 -11.96 6.26 -36.24
C ASP B 401 -12.36 4.88 -35.74
N ASN B 402 -11.54 4.30 -34.86
CA ASN B 402 -11.82 2.97 -34.33
C ASN B 402 -13.13 2.94 -33.53
N ARG B 403 -13.47 4.03 -32.85
CA ARG B 403 -14.72 4.08 -32.11
C ARG B 403 -15.91 4.12 -33.06
N GLU B 404 -15.81 4.89 -34.14
CA GLU B 404 -16.89 4.94 -35.13
C GLU B 404 -17.12 3.58 -35.75
N TRP B 405 -16.05 2.82 -36.00
CA TRP B 405 -16.19 1.51 -36.62
C TRP B 405 -16.87 0.52 -35.70
N TYR B 406 -16.42 0.46 -34.43
CA TYR B 406 -17.03 -0.46 -33.48
C TYR B 406 -18.51 -0.15 -33.26
N GLN B 407 -18.85 1.14 -33.24
CA GLN B 407 -20.26 1.52 -33.17
C GLN B 407 -21.03 1.02 -34.39
N SER B 408 -20.37 0.96 -35.54
CA SER B 408 -21.04 0.49 -36.76
C SER B 408 -21.25 -1.02 -36.77
N THR B 409 -20.50 -1.78 -35.96
CA THR B 409 -20.74 -3.20 -35.81
C THR B 409 -21.97 -3.51 -34.98
N ILE B 410 -22.52 -2.52 -34.28
CA ILE B 410 -23.74 -2.69 -33.50
C ILE B 410 -24.92 -2.38 -34.41
N PRO B 411 -25.82 -3.35 -34.67
CA PRO B 411 -26.96 -3.10 -35.54
C PRO B 411 -27.97 -2.14 -34.92
ZN ZN C . 2.95 -0.05 18.13
MG MG D . 3.90 -0.11 14.58
C7 A1D8N E . 8.90 5.68 17.85
C8 A1D8N E . 8.95 4.81 16.66
C1 A1D8N E . 9.56 7.98 15.14
C5 A1D8N E . 9.14 7.02 17.33
C6 A1D8N E . 9.31 6.90 15.97
C4 A1D8N E . 9.23 8.29 17.90
C3 A1D8N E . 9.47 9.39 17.09
C2 A1D8N E . 9.65 9.23 15.73
O9 A1D8N E . 9.20 5.59 15.56
O10 A1D8N E . 8.81 3.61 16.54
C11 A1D8N E . 8.71 4.98 18.97
C12 A1D8N E . 8.74 5.40 20.38
C13 A1D8N E . 7.99 4.71 21.33
C14 A1D8N E . 8.08 5.01 22.67
C15 A1D8N E . 8.94 6.01 23.10
C16 A1D8N E . 9.69 6.72 22.15
C17 A1D8N E . 9.59 6.42 20.81
O18 A1D8N E . 9.91 10.33 14.94
O19 A1D8N E . 9.15 6.34 24.41
C20 A1D8N E . 8.46 5.59 25.40
O21 A1D8N E . 10.50 7.70 22.67
C22 A1D8N E . 11.31 8.44 21.75
ZN ZN F . -1.36 -3.44 -18.37
MG MG G . -1.99 -3.74 -14.75
C7 A1D8N H . -9.43 -3.35 -18.30
C8 A1D8N H . -8.99 -3.88 -16.99
C1 A1D8N H . -11.71 -1.83 -15.95
C5 A1D8N H . -10.56 -2.49 -17.98
C6 A1D8N H . -10.73 -2.54 -16.60
C4 A1D8N H . -11.43 -1.69 -18.72
C3 A1D8N H . -12.44 -0.98 -18.08
C2 A1D8N H . -12.57 -1.05 -16.70
O9 A1D8N H . -9.80 -3.36 -16.01
O10 A1D8N H . -8.09 -4.64 -16.71
C11 A1D8N H . -8.78 -3.83 -19.36
C12 A1D8N H . -9.04 -3.68 -20.79
C13 A1D8N H . -8.01 -3.74 -21.72
C14 A1D8N H . -8.26 -3.69 -23.08
C15 A1D8N H . -9.57 -3.58 -23.53
C16 A1D8N H . -10.62 -3.49 -22.60
C17 A1D8N H . -10.35 -3.54 -21.25
O18 A1D8N H . -13.57 -0.35 -16.08
O19 A1D8N H . -9.93 -3.56 -24.85
C20 A1D8N H . -8.91 -3.72 -25.82
O21 A1D8N H . -11.87 -3.35 -23.14
C22 A1D8N H . -12.97 -3.27 -22.24
#